data_8IPW
#
_entry.id   8IPW
#
_cell.length_a   50.790
_cell.length_b   108.320
_cell.length_c   129.780
_cell.angle_alpha   90.00
_cell.angle_beta   90.00
_cell.angle_gamma   90.00
#
_symmetry.space_group_name_H-M   'P 21 21 21'
#
loop_
_entity.id
_entity.type
_entity.pdbx_description
1 polymer MavL
2 non-polymer '[(2R,3S,4R,5R)-5-(6-AMINOPURIN-9-YL)-3,4-DIHYDROXY-OXOLAN-2-YL]METHYL[HYDROXY-[[(2R,3S,4R,5S)-3,4,5-TRIHYDROXYOXOLAN-2-YL]METHOXY]PHOSPHORYL] HYDROGEN PHOSPHATE'
3 water water
#
_entity_poly.entity_id   1
_entity_poly.type   'polypeptide(L)'
_entity_poly.pdbx_seq_one_letter_code
;AYQLLLSKETLNKILQYKQNLEKGLATPGKFFLEELSKQEKSISEMDITTFTQLLIQSKKPQVFAESQVYHDGTDWTLEE
ESILGDVSVNMPVTMYNDGGHGSSFKNHPKPISGYLAYVPGALLASGSGPTSDMKEVLDNGKLNQDKLNALYERRLLPQL
IHFNELARQNEKQAAITIPGIGTGCFSGAYYDVIKPYVRNALIHILEKHKDSLPYIDIIHYDPYMGDEPAEKKIGHMSFR
VSPSGVVRGTTGQLDYPLGSNPDTHILVSIVAWDHFSWPGNDYWGGARQTDDGVKAASTDTMGQVTGATGVYDKKWGRYM
PPESFTKDRKGMSDWGDYVRENGIVFNGPVLALDKSGKLDTLE
;
_entity_poly.pdbx_strand_id   A,B
#
# COMPACT_ATOMS: atom_id res chain seq x y z
N ALA A 1 2.35 2.62 -4.22
CA ALA A 1 1.18 3.33 -4.78
C ALA A 1 1.55 4.45 -5.79
N TYR A 2 2.75 5.01 -5.68
CA TYR A 2 3.28 5.97 -6.66
C TYR A 2 4.78 5.68 -6.87
N GLN A 3 5.29 6.12 -8.02
CA GLN A 3 6.63 5.79 -8.44
C GLN A 3 7.33 7.01 -9.01
N LEU A 4 8.44 7.41 -8.39
CA LEU A 4 9.23 8.56 -8.83
C LEU A 4 10.27 8.12 -9.86
N LEU A 5 10.34 8.82 -10.99
CA LEU A 5 11.27 8.46 -12.06
C LEU A 5 12.15 9.66 -12.45
N LEU A 6 13.34 9.37 -12.94
CA LEU A 6 14.29 10.36 -13.41
C LEU A 6 15.24 9.78 -14.47
N SER A 7 15.87 10.65 -15.24
CA SER A 7 16.79 10.27 -16.30
C SER A 7 18.20 9.98 -15.73
N LYS A 8 19.11 9.46 -16.58
CA LYS A 8 20.52 9.18 -16.25
C LYS A 8 21.24 10.46 -15.81
N GLU A 9 21.00 11.57 -16.56
CA GLU A 9 21.57 12.92 -16.34
C GLU A 9 21.14 13.48 -15.00
N THR A 10 19.91 13.19 -14.57
CA THR A 10 19.40 13.69 -13.29
C THR A 10 20.05 12.93 -12.14
N LEU A 11 20.21 11.61 -12.28
CA LEU A 11 20.90 10.83 -11.24
C LEU A 11 22.36 11.28 -11.11
N ASN A 12 23.03 11.63 -12.24
CA ASN A 12 24.40 12.19 -12.21
C ASN A 12 24.45 13.51 -11.43
N LYS A 13 23.37 14.30 -11.49
CA LYS A 13 23.30 15.57 -10.77
C LYS A 13 23.07 15.32 -9.29
N ILE A 14 22.23 14.31 -8.92
CA ILE A 14 22.03 13.96 -7.52
C ILE A 14 23.36 13.47 -6.93
N LEU A 15 24.07 12.62 -7.67
CA LEU A 15 25.36 12.08 -7.28
C LEU A 15 26.38 13.18 -7.02
N GLN A 16 26.54 14.13 -7.96
CA GLN A 16 27.44 15.26 -7.83
C GLN A 16 27.07 16.13 -6.64
N TYR A 17 25.78 16.38 -6.45
CA TYR A 17 25.28 17.20 -5.36
C TYR A 17 25.52 16.53 -4.02
N LYS A 18 25.31 15.21 -3.92
CA LYS A 18 25.56 14.45 -2.70
C LYS A 18 27.03 14.51 -2.35
N GLN A 19 27.91 14.36 -3.37
CA GLN A 19 29.37 14.44 -3.19
C GLN A 19 29.77 15.80 -2.67
N ASN A 20 29.21 16.87 -3.25
CA ASN A 20 29.53 18.25 -2.86
C ASN A 20 29.09 18.57 -1.44
N LEU A 21 27.95 17.99 -1.02
CA LEU A 21 27.49 18.16 0.35
C LEU A 21 28.44 17.43 1.33
N GLU A 22 28.98 16.27 0.92
CA GLU A 22 29.96 15.51 1.72
C GLU A 22 31.29 16.23 1.78
N LYS A 23 31.74 16.80 0.65
CA LYS A 23 33.01 17.53 0.56
C LYS A 23 32.99 18.95 1.10
N GLY A 24 31.82 19.48 1.41
CA GLY A 24 31.71 20.85 1.92
C GLY A 24 31.73 21.92 0.83
N LEU A 25 31.62 21.52 -0.45
CA LEU A 25 31.60 22.49 -1.56
C LEU A 25 30.21 23.09 -1.85
N ALA A 26 29.18 22.59 -1.17
CA ALA A 26 27.82 23.02 -1.31
C ALA A 26 27.15 23.01 0.07
N THR A 27 26.10 23.79 0.22
CA THR A 27 25.30 23.81 1.44
C THR A 27 23.84 23.66 1.02
N PRO A 28 23.06 22.84 1.72
CA PRO A 28 21.65 22.64 1.31
C PRO A 28 20.73 23.83 1.58
N GLY A 29 19.71 23.96 0.73
CA GLY A 29 18.69 24.97 0.88
C GLY A 29 17.90 24.71 2.15
N LYS A 30 17.18 25.73 2.63
CA LYS A 30 16.40 25.67 3.86
C LYS A 30 15.41 24.51 3.93
N PHE A 31 14.68 24.25 2.88
CA PHE A 31 13.63 23.25 2.88
C PHE A 31 14.19 21.82 2.77
N PHE A 32 15.29 21.63 2.04
CA PHE A 32 15.91 20.30 2.01
C PHE A 32 16.50 20.00 3.42
N LEU A 33 17.16 21.01 4.04
CA LEU A 33 17.74 20.92 5.38
C LEU A 33 16.69 20.55 6.44
N GLU A 34 15.48 21.05 6.31
CA GLU A 34 14.40 20.73 7.25
C GLU A 34 14.04 19.22 7.25
N GLU A 35 14.04 18.59 6.06
CA GLU A 35 13.73 17.16 5.89
C GLU A 35 14.88 16.26 6.35
N LEU A 36 16.12 16.75 6.23
CA LEU A 36 17.28 16.00 6.70
C LEU A 36 17.25 15.96 8.25
N SER A 37 16.88 17.10 8.88
CA SER A 37 16.80 17.23 10.34
C SER A 37 15.69 16.38 11.00
N LYS A 38 14.72 15.91 10.21
CA LYS A 38 13.65 15.05 10.76
C LYS A 38 14.07 13.56 10.79
N GLN A 39 15.31 13.24 10.36
CA GLN A 39 15.90 11.92 10.22
C GLN A 39 17.27 11.85 10.95
N GLU A 40 17.69 10.65 11.39
CA GLU A 40 18.89 10.45 12.20
C GLU A 40 20.25 10.38 11.43
N LYS A 41 20.29 9.79 10.23
CA LYS A 41 21.55 9.64 9.47
C LYS A 41 22.09 10.95 8.90
N SER A 42 23.40 11.00 8.63
CA SER A 42 24.02 12.17 8.02
C SER A 42 24.10 11.99 6.49
N ILE A 43 24.44 13.06 5.72
CA ILE A 43 24.55 12.99 4.25
C ILE A 43 25.54 11.91 3.82
N SER A 44 26.65 11.81 4.55
CA SER A 44 27.70 10.84 4.27
C SER A 44 27.26 9.41 4.48
N GLU A 45 26.53 9.14 5.57
CA GLU A 45 26.05 7.80 5.94
C GLU A 45 24.84 7.28 5.15
N MET A 46 24.17 8.18 4.42
CA MET A 46 22.98 7.86 3.62
C MET A 46 23.33 7.28 2.27
N ASP A 47 22.43 6.45 1.71
CA ASP A 47 22.61 5.98 0.35
C ASP A 47 21.93 6.99 -0.63
N ILE A 48 22.20 6.85 -1.92
CA ILE A 48 21.72 7.77 -2.94
C ILE A 48 20.18 7.76 -3.02
N THR A 49 19.54 6.60 -2.79
CA THR A 49 18.08 6.51 -2.84
C THR A 49 17.41 7.31 -1.70
N THR A 50 17.92 7.16 -0.48
CA THR A 50 17.43 7.88 0.69
C THR A 50 17.64 9.39 0.52
N PHE A 51 18.79 9.77 -0.03
CA PHE A 51 19.14 11.17 -0.30
C PHE A 51 18.15 11.74 -1.30
N THR A 52 17.93 11.05 -2.41
CA THR A 52 16.99 11.46 -3.46
C THR A 52 15.57 11.62 -2.88
N GLN A 53 15.10 10.60 -2.15
CA GLN A 53 13.80 10.65 -1.49
C GLN A 53 13.62 11.88 -0.54
N LEU A 54 14.66 12.26 0.22
CA LEU A 54 14.59 13.38 1.15
C LEU A 54 14.58 14.73 0.42
N LEU A 55 15.26 14.80 -0.73
CA LEU A 55 15.23 16.00 -1.54
C LEU A 55 13.83 16.15 -2.18
N ILE A 56 13.24 15.04 -2.64
CA ILE A 56 11.90 15.06 -3.19
C ILE A 56 10.87 15.39 -2.10
N GLN A 57 11.09 14.88 -0.88
CA GLN A 57 10.27 15.13 0.28
C GLN A 57 10.21 16.64 0.70
N SER A 58 11.16 17.45 0.23
CA SER A 58 11.14 18.90 0.52
C SER A 58 10.00 19.65 -0.22
N LYS A 59 9.37 18.99 -1.23
CA LYS A 59 8.21 19.52 -1.95
C LYS A 59 7.10 19.75 -0.93
N LYS A 60 6.32 20.79 -1.16
CA LYS A 60 5.20 21.11 -0.30
C LYS A 60 3.91 20.78 -1.06
N PRO A 61 2.77 20.52 -0.39
CA PRO A 61 1.54 20.25 -1.13
C PRO A 61 1.22 21.34 -2.16
N GLN A 62 1.38 22.61 -1.73
CA GLN A 62 1.13 23.83 -2.53
C GLN A 62 2.31 24.77 -2.57
N VAL A 63 2.82 25.03 -3.77
CA VAL A 63 3.92 25.99 -4.06
C VAL A 63 3.70 26.44 -5.49
N PHE A 64 3.76 27.72 -5.75
CA PHE A 64 3.71 28.25 -7.12
C PHE A 64 5.15 28.52 -7.51
N ALA A 65 5.83 27.58 -8.21
CA ALA A 65 7.25 27.69 -8.60
C ALA A 65 7.60 28.95 -9.39
N GLU A 66 6.67 29.42 -10.20
CA GLU A 66 6.91 30.58 -11.04
C GLU A 66 6.90 31.91 -10.29
N SER A 67 6.31 31.97 -9.07
CA SER A 67 6.21 33.26 -8.37
C SER A 67 6.63 33.26 -6.90
N GLN A 68 6.70 32.10 -6.23
CA GLN A 68 6.96 32.08 -4.80
C GLN A 68 8.38 31.73 -4.38
N VAL A 69 9.30 31.55 -5.34
CA VAL A 69 10.64 31.04 -5.06
C VAL A 69 11.75 32.08 -5.35
N TYR A 70 12.83 32.05 -4.52
CA TYR A 70 13.98 32.94 -4.62
C TYR A 70 15.19 32.33 -5.34
N HIS A 71 15.22 30.99 -5.51
CA HIS A 71 16.29 30.24 -6.17
C HIS A 71 17.64 30.39 -5.46
N ASP A 72 17.59 30.32 -4.14
CA ASP A 72 18.77 30.43 -3.29
C ASP A 72 18.56 29.60 -2.00
N GLY A 73 19.49 29.72 -1.06
CA GLY A 73 19.42 29.01 0.21
C GLY A 73 18.20 29.24 1.08
N THR A 74 17.41 30.26 0.79
CA THR A 74 16.22 30.54 1.55
C THR A 74 15.11 29.56 1.25
N ASP A 75 15.13 28.97 0.06
CA ASP A 75 14.13 27.97 -0.27
C ASP A 75 14.76 26.75 -0.84
N TRP A 76 15.00 26.80 -2.14
CA TRP A 76 15.65 25.70 -2.78
C TRP A 76 16.73 26.32 -3.61
N THR A 77 17.90 25.72 -3.63
CA THR A 77 19.06 26.25 -4.37
C THR A 77 18.89 25.98 -5.89
N LEU A 78 19.65 26.67 -6.77
CA LEU A 78 19.57 26.41 -8.20
C LEU A 78 19.93 24.93 -8.50
N GLU A 79 20.91 24.37 -7.74
CA GLU A 79 21.31 22.95 -7.84
C GLU A 79 20.13 21.98 -7.55
N GLU A 80 19.40 22.17 -6.42
CA GLU A 80 18.27 21.32 -6.04
C GLU A 80 17.15 21.43 -7.06
N GLU A 81 16.87 22.65 -7.52
CA GLU A 81 15.87 23.00 -8.51
C GLU A 81 16.14 22.28 -9.85
N SER A 82 17.42 22.15 -10.22
CA SER A 82 17.83 21.43 -11.42
C SER A 82 17.43 19.98 -11.34
N ILE A 83 17.61 19.37 -10.17
CA ILE A 83 17.22 17.99 -9.95
C ILE A 83 15.68 17.84 -9.91
N LEU A 84 15.00 18.66 -9.07
CA LEU A 84 13.57 18.63 -8.82
C LEU A 84 12.69 18.81 -10.08
N GLY A 85 13.11 19.65 -11.02
CA GLY A 85 12.36 19.85 -12.25
C GLY A 85 12.36 18.62 -13.14
N ASP A 86 13.42 17.78 -13.02
CA ASP A 86 13.54 16.56 -13.82
C ASP A 86 12.83 15.37 -13.21
N VAL A 87 12.36 15.45 -11.95
CA VAL A 87 11.66 14.36 -11.32
C VAL A 87 10.18 14.28 -11.74
N SER A 88 9.79 13.10 -12.19
CA SER A 88 8.42 12.84 -12.57
C SER A 88 7.83 11.77 -11.63
N VAL A 89 6.52 11.68 -11.56
CA VAL A 89 5.88 10.66 -10.73
C VAL A 89 4.69 10.09 -11.45
N ASN A 90 4.49 8.80 -11.31
CA ASN A 90 3.34 8.17 -11.90
C ASN A 90 2.59 7.36 -10.89
N MET A 91 1.32 7.12 -11.17
CA MET A 91 0.49 6.35 -10.27
C MET A 91 -0.73 5.85 -11.02
N PRO A 92 -1.25 4.65 -10.68
CA PRO A 92 -2.53 4.22 -11.29
C PRO A 92 -3.66 5.06 -10.69
N VAL A 93 -4.68 5.39 -11.48
CA VAL A 93 -5.78 6.21 -10.99
C VAL A 93 -7.12 5.76 -11.51
N THR A 94 -8.16 6.13 -10.78
CA THR A 94 -9.52 5.98 -11.20
C THR A 94 -9.86 7.40 -11.67
N MET A 95 -10.21 7.57 -12.95
CA MET A 95 -10.57 8.85 -13.54
C MET A 95 -12.08 8.95 -13.47
N TYR A 96 -12.62 9.97 -12.74
CA TYR A 96 -14.06 10.13 -12.56
C TYR A 96 -14.75 11.01 -13.60
N ASN A 97 -14.00 11.82 -14.32
CA ASN A 97 -14.53 12.66 -15.38
C ASN A 97 -13.46 12.82 -16.46
N ASP A 98 -13.81 13.41 -17.61
CA ASP A 98 -12.89 13.55 -18.74
C ASP A 98 -11.78 14.61 -18.56
N GLY A 99 -11.82 15.37 -17.47
CA GLY A 99 -10.81 16.40 -17.21
C GLY A 99 -11.12 17.80 -17.72
N GLY A 100 -12.37 18.05 -18.14
CA GLY A 100 -12.76 19.37 -18.63
C GLY A 100 -12.64 20.41 -17.55
N HIS A 101 -12.07 21.60 -17.86
CA HIS A 101 -11.89 22.63 -16.84
C HIS A 101 -13.23 23.33 -16.54
N GLY A 102 -13.33 23.97 -15.38
CA GLY A 102 -14.53 24.68 -14.94
C GLY A 102 -15.75 23.77 -14.84
N SER A 103 -16.89 24.21 -15.37
CA SER A 103 -18.09 23.37 -15.34
C SER A 103 -18.25 22.48 -16.59
N SER A 104 -17.26 22.46 -17.50
CA SER A 104 -17.36 21.70 -18.75
C SER A 104 -17.13 20.19 -18.66
N PHE A 105 -16.52 19.70 -17.56
CA PHE A 105 -16.25 18.26 -17.45
C PHE A 105 -17.50 17.36 -17.67
N LYS A 106 -17.25 16.12 -18.13
CA LYS A 106 -18.29 15.13 -18.32
C LYS A 106 -17.94 13.98 -17.42
N ASN A 107 -18.85 13.59 -16.52
CA ASN A 107 -18.58 12.47 -15.63
C ASN A 107 -18.59 11.14 -16.36
N HIS A 108 -17.67 10.22 -16.00
CA HIS A 108 -17.66 8.91 -16.62
C HIS A 108 -18.78 8.12 -15.96
N PRO A 109 -19.76 7.58 -16.73
CA PRO A 109 -20.84 6.77 -16.10
C PRO A 109 -20.25 5.68 -15.19
N LYS A 110 -19.19 4.99 -15.67
CA LYS A 110 -18.42 4.07 -14.86
C LYS A 110 -17.00 4.63 -14.88
N PRO A 111 -16.42 4.95 -13.72
CA PRO A 111 -15.06 5.52 -13.70
C PRO A 111 -14.04 4.69 -14.46
N ILE A 112 -13.23 5.35 -15.27
CA ILE A 112 -12.20 4.74 -16.13
C ILE A 112 -10.90 4.55 -15.32
N SER A 113 -10.19 3.43 -15.48
CA SER A 113 -8.94 3.19 -14.73
C SER A 113 -7.80 3.41 -15.68
N GLY A 114 -6.86 4.24 -15.30
CA GLY A 114 -5.72 4.53 -16.12
C GLY A 114 -4.53 4.92 -15.27
N TYR A 115 -3.67 5.77 -15.80
CA TYR A 115 -2.46 6.20 -15.13
C TYR A 115 -2.22 7.66 -15.39
N LEU A 116 -1.64 8.34 -14.41
CA LEU A 116 -1.22 9.73 -14.55
C LEU A 116 0.29 9.77 -14.45
N ALA A 117 0.93 10.63 -15.24
CA ALA A 117 2.39 10.82 -15.15
C ALA A 117 2.58 12.31 -15.00
N TYR A 118 2.92 12.76 -13.79
CA TYR A 118 3.15 14.17 -13.44
C TYR A 118 4.58 14.56 -13.81
N VAL A 119 4.75 15.49 -14.74
CA VAL A 119 6.07 15.89 -15.22
C VAL A 119 6.14 17.40 -15.18
N PRO A 120 7.19 18.02 -14.58
CA PRO A 120 7.27 19.48 -14.59
C PRO A 120 7.81 19.98 -15.94
N GLY A 121 7.23 21.05 -16.45
CA GLY A 121 7.70 21.66 -17.69
C GLY A 121 8.78 22.68 -17.42
N ALA A 122 9.29 23.29 -18.49
CA ALA A 122 10.32 24.30 -18.39
C ALA A 122 9.80 25.50 -17.63
N LEU A 123 10.47 25.83 -16.51
CA LEU A 123 10.13 26.93 -15.65
C LEU A 123 10.85 28.14 -16.24
N LEU A 124 10.08 28.95 -16.99
CA LEU A 124 10.56 30.14 -17.69
C LEU A 124 9.91 31.41 -17.17
N ALA A 125 9.52 31.40 -15.92
CA ALA A 125 8.92 32.53 -15.25
C ALA A 125 9.49 32.53 -13.85
N SER A 126 9.64 33.72 -13.27
CA SER A 126 10.18 33.85 -11.93
C SER A 126 9.87 35.23 -11.37
N GLY A 127 9.55 35.30 -10.09
CA GLY A 127 9.37 36.57 -9.42
C GLY A 127 10.61 37.00 -8.64
N SER A 128 11.78 36.34 -8.92
CA SER A 128 13.04 36.55 -8.19
C SER A 128 14.36 36.20 -8.96
N GLY A 129 14.51 36.69 -10.19
CA GLY A 129 15.73 36.41 -10.95
C GLY A 129 15.66 35.08 -11.69
N PRO A 130 16.64 34.81 -12.57
CA PRO A 130 16.53 33.63 -13.45
C PRO A 130 16.52 32.24 -12.80
N THR A 131 15.73 31.35 -13.41
CA THR A 131 15.60 29.98 -12.93
C THR A 131 16.66 29.07 -13.56
N SER A 132 16.80 27.85 -13.05
CA SER A 132 17.70 26.84 -13.59
C SER A 132 17.32 26.54 -15.05
N ASP A 133 16.02 26.38 -15.33
CA ASP A 133 15.53 26.09 -16.68
C ASP A 133 15.74 27.29 -17.63
N MET A 134 15.64 28.52 -17.12
CA MET A 134 15.90 29.73 -17.92
C MET A 134 17.38 29.79 -18.34
N LYS A 135 18.28 29.35 -17.47
CA LYS A 135 19.71 29.33 -17.75
C LYS A 135 20.03 28.28 -18.85
N GLU A 136 19.33 27.16 -18.84
CA GLU A 136 19.57 26.07 -19.77
C GLU A 136 19.06 26.28 -21.20
N VAL A 137 17.78 26.65 -21.36
CA VAL A 137 17.17 26.72 -22.68
C VAL A 137 17.16 28.10 -23.31
N LEU A 138 17.60 29.15 -22.59
CA LEU A 138 17.61 30.49 -23.18
C LEU A 138 19.00 30.99 -23.54
N ASP A 139 19.17 31.47 -24.77
CA ASP A 139 20.42 32.07 -25.23
C ASP A 139 20.13 33.54 -25.49
N ASN A 140 20.54 34.42 -24.56
CA ASN A 140 20.29 35.86 -24.63
C ASN A 140 18.79 36.21 -24.59
N GLY A 141 18.03 35.43 -23.84
CA GLY A 141 16.59 35.64 -23.70
C GLY A 141 15.76 35.14 -24.87
N LYS A 142 16.36 34.33 -25.77
CA LYS A 142 15.64 33.77 -26.90
C LYS A 142 15.53 32.26 -26.71
N LEU A 143 14.35 31.69 -26.97
CA LEU A 143 14.14 30.25 -26.84
C LEU A 143 15.04 29.45 -27.79
N ASN A 144 15.74 28.45 -27.24
CA ASN A 144 16.57 27.58 -28.07
C ASN A 144 15.82 26.29 -28.27
N GLN A 145 15.37 26.01 -29.50
CA GLN A 145 14.63 24.79 -29.76
C GLN A 145 15.36 23.51 -29.37
N ASP A 146 16.66 23.43 -29.66
CA ASP A 146 17.44 22.23 -29.35
C ASP A 146 17.71 22.03 -27.86
N LYS A 147 17.85 23.10 -27.08
CA LYS A 147 18.04 22.97 -25.63
C LYS A 147 16.73 22.57 -24.94
N LEU A 148 15.59 23.04 -25.46
CA LEU A 148 14.28 22.66 -24.96
C LEU A 148 13.99 21.20 -25.26
N ASN A 149 14.45 20.70 -26.43
CA ASN A 149 14.31 19.30 -26.84
C ASN A 149 14.99 18.38 -25.86
N ALA A 150 16.22 18.76 -25.45
CA ALA A 150 17.05 18.05 -24.49
C ALA A 150 16.40 17.99 -23.10
N LEU A 151 15.84 19.13 -22.61
CA LEU A 151 15.18 19.20 -21.32
C LEU A 151 13.95 18.28 -21.28
N TYR A 152 13.02 18.40 -22.25
CA TYR A 152 11.82 17.55 -22.26
C TYR A 152 12.13 16.11 -22.52
N GLU A 153 13.22 15.81 -23.25
CA GLU A 153 13.67 14.44 -23.51
C GLU A 153 14.04 13.76 -22.18
N ARG A 154 14.78 14.48 -21.34
CA ARG A 154 15.27 14.08 -20.04
C ARG A 154 14.10 13.86 -19.06
N ARG A 155 13.06 14.69 -19.15
CA ARG A 155 11.91 14.58 -18.26
C ARG A 155 10.88 13.53 -18.68
N LEU A 156 10.51 13.51 -19.97
CA LEU A 156 9.47 12.63 -20.52
C LEU A 156 9.91 11.20 -20.88
N LEU A 157 11.19 10.98 -21.21
CA LEU A 157 11.66 9.65 -21.59
C LEU A 157 11.52 8.59 -20.47
N PRO A 158 11.83 8.86 -19.18
CA PRO A 158 11.64 7.81 -18.16
C PRO A 158 10.19 7.30 -18.05
N GLN A 159 9.19 8.19 -18.25
CA GLN A 159 7.77 7.85 -18.18
C GLN A 159 7.36 7.10 -19.45
N LEU A 160 7.83 7.55 -20.63
CA LEU A 160 7.53 6.90 -21.91
C LEU A 160 8.04 5.46 -21.88
N ILE A 161 9.24 5.25 -21.35
CA ILE A 161 9.80 3.90 -21.22
C ILE A 161 9.01 3.09 -20.19
N HIS A 162 8.61 3.72 -19.09
CA HIS A 162 7.81 3.06 -18.06
C HIS A 162 6.46 2.55 -18.62
N PHE A 163 5.71 3.39 -19.34
CA PHE A 163 4.42 2.99 -19.90
C PHE A 163 4.55 2.07 -21.10
N ASN A 164 5.70 2.10 -21.82
CA ASN A 164 5.93 1.17 -22.93
C ASN A 164 6.05 -0.24 -22.35
N GLU A 165 6.81 -0.42 -21.25
CA GLU A 165 6.96 -1.74 -20.65
C GLU A 165 5.66 -2.21 -20.01
N LEU A 166 4.90 -1.29 -19.38
CA LEU A 166 3.63 -1.59 -18.74
C LEU A 166 2.54 -2.08 -19.74
N ALA A 167 2.47 -1.45 -20.93
CA ALA A 167 1.54 -1.82 -21.98
C ALA A 167 1.93 -3.20 -22.58
N ARG A 168 3.22 -3.54 -22.60
CA ARG A 168 3.71 -4.84 -23.07
C ARG A 168 3.38 -5.91 -22.02
N GLN A 169 3.49 -5.58 -20.73
CA GLN A 169 3.12 -6.51 -19.65
C GLN A 169 1.59 -6.67 -19.52
N ASN A 170 0.81 -5.69 -19.99
CA ASN A 170 -0.65 -5.79 -19.96
C ASN A 170 -1.25 -6.34 -21.27
N GLU A 171 -0.40 -6.65 -22.27
CA GLU A 171 -0.81 -7.12 -23.60
C GLU A 171 -1.65 -6.11 -24.39
N LYS A 172 -1.52 -4.83 -24.07
CA LYS A 172 -2.23 -3.75 -24.76
C LYS A 172 -1.21 -2.79 -25.39
N GLN A 173 -1.68 -1.76 -26.08
CA GLN A 173 -0.83 -0.69 -26.56
C GLN A 173 -1.09 0.55 -25.69
N ALA A 174 -0.32 1.64 -25.87
CA ALA A 174 -0.52 2.84 -25.07
C ALA A 174 -1.17 4.00 -25.81
N ALA A 175 -2.15 4.62 -25.14
CA ALA A 175 -2.83 5.82 -25.60
C ALA A 175 -2.43 6.87 -24.58
N ILE A 176 -1.63 7.86 -24.99
CA ILE A 176 -1.17 8.89 -24.09
C ILE A 176 -1.73 10.23 -24.51
N THR A 177 -2.32 10.94 -23.53
CA THR A 177 -2.85 12.26 -23.72
C THR A 177 -1.86 13.23 -23.02
N ILE A 178 -1.49 14.29 -23.73
CA ILE A 178 -0.52 15.23 -23.23
C ILE A 178 -1.11 16.63 -23.35
N PRO A 179 -1.01 17.43 -22.29
CA PRO A 179 -1.49 18.82 -22.39
C PRO A 179 -0.35 19.74 -22.88
N GLY A 180 -0.59 21.06 -22.92
CA GLY A 180 0.42 22.03 -23.34
C GLY A 180 1.31 22.34 -22.17
N ILE A 181 2.11 21.34 -21.78
CA ILE A 181 3.04 21.41 -20.66
C ILE A 181 4.05 22.55 -20.81
N GLY A 182 4.09 23.43 -19.82
CA GLY A 182 5.01 24.56 -19.87
C GLY A 182 4.58 25.69 -20.77
N THR A 183 3.36 25.62 -21.33
CA THR A 183 2.86 26.65 -22.24
C THR A 183 1.96 27.69 -21.60
N GLY A 184 1.66 27.58 -20.31
CA GLY A 184 0.80 28.53 -19.64
C GLY A 184 1.55 29.34 -18.61
N CYS A 185 1.27 29.07 -17.32
CA CYS A 185 1.95 29.75 -16.20
C CYS A 185 3.47 29.68 -16.30
N PHE A 186 4.01 28.52 -16.63
CA PHE A 186 5.47 28.33 -16.68
C PHE A 186 6.18 28.98 -17.89
N SER A 187 5.47 29.47 -18.90
CA SER A 187 6.10 30.07 -20.08
C SER A 187 6.59 31.51 -19.90
N GLY A 188 6.14 32.17 -18.83
CA GLY A 188 6.58 33.54 -18.53
C GLY A 188 6.39 34.52 -19.67
N ALA A 189 7.48 35.20 -20.06
CA ALA A 189 7.46 36.15 -21.18
C ALA A 189 7.29 35.50 -22.56
N TYR A 190 7.45 34.19 -22.63
CA TYR A 190 7.41 33.42 -23.87
C TYR A 190 6.03 32.87 -24.19
N TYR A 191 5.00 33.22 -23.41
CA TYR A 191 3.62 32.82 -23.59
C TYR A 191 3.14 32.91 -25.05
N ASP A 192 3.45 34.02 -25.73
CA ASP A 192 3.04 34.27 -27.12
C ASP A 192 3.85 33.49 -28.17
N VAL A 193 4.94 32.84 -27.78
CA VAL A 193 5.82 32.17 -28.72
C VAL A 193 6.06 30.66 -28.42
N ILE A 194 5.76 30.21 -27.19
CA ILE A 194 6.06 28.87 -26.65
C ILE A 194 5.37 27.66 -27.28
N LYS A 195 4.08 27.75 -27.65
CA LYS A 195 3.33 26.60 -28.15
C LYS A 195 4.04 25.80 -29.28
N PRO A 196 4.51 26.41 -30.40
CA PRO A 196 5.18 25.59 -31.42
C PRO A 196 6.41 24.86 -30.87
N TYR A 197 7.12 25.47 -29.93
CA TYR A 197 8.32 24.86 -29.32
C TYR A 197 8.04 23.58 -28.54
N VAL A 198 7.00 23.57 -27.71
CA VAL A 198 6.61 22.38 -26.95
C VAL A 198 6.12 21.25 -27.87
N ARG A 199 5.34 21.58 -28.92
CA ARG A 199 4.87 20.59 -29.88
C ARG A 199 6.08 20.01 -30.66
N ASN A 200 7.05 20.85 -31.07
CA ASN A 200 8.24 20.37 -31.78
C ASN A 200 9.12 19.51 -30.84
N ALA A 201 9.15 19.83 -29.55
CA ALA A 201 9.92 19.07 -28.58
C ALA A 201 9.37 17.65 -28.43
N LEU A 202 8.01 17.49 -28.45
CA LEU A 202 7.35 16.19 -28.34
C LEU A 202 7.59 15.36 -29.58
N ILE A 203 7.51 16.00 -30.78
CA ILE A 203 7.78 15.34 -32.07
C ILE A 203 9.21 14.79 -32.04
N HIS A 204 10.17 15.62 -31.56
CA HIS A 204 11.58 15.29 -31.47
C HIS A 204 11.87 14.07 -30.62
N ILE A 205 11.26 13.99 -29.42
CA ILE A 205 11.43 12.84 -28.53
C ILE A 205 10.89 11.54 -29.17
N LEU A 206 9.66 11.59 -29.71
CA LEU A 206 9.02 10.44 -30.33
C LEU A 206 9.70 9.98 -31.63
N GLU A 207 10.33 10.91 -32.34
CA GLU A 207 11.08 10.60 -33.55
C GLU A 207 12.41 9.95 -33.15
N LYS A 208 13.05 10.45 -32.07
CA LYS A 208 14.32 9.92 -31.60
C LYS A 208 14.16 8.51 -31.02
N HIS A 209 13.25 8.32 -30.05
CA HIS A 209 13.10 7.04 -29.37
C HIS A 209 12.01 6.09 -29.89
N LYS A 210 11.49 6.29 -31.12
CA LYS A 210 10.46 5.37 -31.65
C LYS A 210 10.89 3.89 -31.67
N ASP A 211 12.20 3.60 -31.84
CA ASP A 211 12.68 2.20 -31.82
C ASP A 211 12.56 1.54 -30.43
N SER A 212 12.55 2.37 -29.37
CA SER A 212 12.45 1.98 -27.96
C SER A 212 11.00 1.99 -27.41
N LEU A 213 10.02 2.42 -28.22
CA LEU A 213 8.63 2.55 -27.78
C LEU A 213 7.63 1.79 -28.70
N PRO A 214 7.83 0.46 -28.94
CA PRO A 214 6.90 -0.25 -29.85
C PRO A 214 5.46 -0.35 -29.39
N TYR A 215 5.24 -0.65 -28.11
CA TYR A 215 3.90 -0.82 -27.59
C TYR A 215 3.23 0.53 -27.26
N ILE A 216 3.74 1.66 -27.82
CA ILE A 216 3.09 2.98 -27.67
C ILE A 216 2.46 3.32 -29.03
N ASP A 217 1.14 3.54 -29.05
CA ASP A 217 0.44 3.73 -30.32
C ASP A 217 -0.15 5.12 -30.56
N ILE A 218 -0.92 5.65 -29.60
CA ILE A 218 -1.58 6.94 -29.77
C ILE A 218 -1.01 8.01 -28.85
N ILE A 219 -0.69 9.17 -29.42
CA ILE A 219 -0.25 10.33 -28.67
C ILE A 219 -1.20 11.42 -29.06
N HIS A 220 -2.10 11.79 -28.16
CA HIS A 220 -3.12 12.81 -28.35
C HIS A 220 -2.66 14.08 -27.60
N TYR A 221 -2.12 15.06 -28.34
CA TYR A 221 -1.61 16.32 -27.80
C TYR A 221 -2.65 17.42 -27.88
N ASP A 222 -3.11 17.90 -26.73
CA ASP A 222 -4.14 18.95 -26.67
C ASP A 222 -3.56 20.20 -25.98
N PRO A 223 -3.09 21.19 -26.78
CA PRO A 223 -2.57 22.42 -26.16
C PRO A 223 -3.64 23.48 -25.88
N TYR A 224 -4.95 23.12 -25.94
CA TYR A 224 -6.12 23.98 -25.73
C TYR A 224 -6.31 25.00 -26.89
N MET A 225 -5.31 25.84 -27.12
CA MET A 225 -5.35 26.78 -28.22
C MET A 225 -3.94 27.10 -28.68
N GLY A 226 -3.77 27.87 -29.76
CA GLY A 226 -2.47 28.26 -30.29
C GLY A 226 -1.66 27.24 -31.05
N ASP A 227 -2.32 26.25 -31.67
CA ASP A 227 -1.65 25.24 -32.48
C ASP A 227 -2.59 24.72 -33.56
N GLU A 228 -2.09 24.51 -34.79
CA GLU A 228 -2.91 24.06 -35.91
C GLU A 228 -3.32 22.60 -35.74
N PRO A 229 -4.62 22.29 -35.93
CA PRO A 229 -5.08 20.89 -35.82
C PRO A 229 -4.38 20.04 -36.87
N ALA A 230 -3.68 18.98 -36.45
CA ALA A 230 -2.93 18.17 -37.38
C ALA A 230 -2.81 16.71 -36.95
N GLU A 231 -2.56 15.82 -37.91
CA GLU A 231 -2.34 14.41 -37.69
C GLU A 231 -0.99 14.12 -38.30
N LYS A 232 -0.09 13.56 -37.51
CA LYS A 232 1.25 13.24 -37.98
C LYS A 232 1.57 11.79 -37.63
N LYS A 233 2.27 11.08 -38.51
CA LYS A 233 2.66 9.71 -38.25
C LYS A 233 4.14 9.69 -37.92
N ILE A 234 4.48 9.31 -36.68
CA ILE A 234 5.88 9.24 -36.27
C ILE A 234 6.20 7.75 -36.18
N GLY A 235 6.73 7.21 -37.28
CA GLY A 235 7.02 5.78 -37.38
C GLY A 235 5.72 5.01 -37.36
N HIS A 236 5.51 4.23 -36.30
CA HIS A 236 4.27 3.47 -36.12
C HIS A 236 3.22 4.26 -35.27
N MET A 237 3.68 5.25 -34.49
CA MET A 237 2.81 6.03 -33.61
C MET A 237 2.02 7.07 -34.39
N SER A 238 0.82 7.42 -33.88
CA SER A 238 0.02 8.46 -34.50
C SER A 238 -0.04 9.64 -33.52
N PHE A 239 0.61 10.75 -33.88
CA PHE A 239 0.65 11.93 -33.04
C PHE A 239 -0.40 12.88 -33.56
N ARG A 240 -1.35 13.18 -32.72
CA ARG A 240 -2.44 14.07 -33.06
C ARG A 240 -2.35 15.35 -32.26
N VAL A 241 -2.61 16.49 -32.92
CA VAL A 241 -2.67 17.77 -32.23
C VAL A 241 -4.08 18.27 -32.39
N SER A 242 -4.85 18.18 -31.30
CA SER A 242 -6.23 18.57 -31.32
C SER A 242 -6.52 19.54 -30.20
N PRO A 243 -6.28 20.84 -30.42
CA PRO A 243 -6.58 21.82 -29.37
C PRO A 243 -8.09 21.90 -29.14
N SER A 244 -8.53 21.68 -27.89
CA SER A 244 -9.94 21.67 -27.50
C SER A 244 -10.72 22.94 -27.85
N GLY A 245 -10.09 24.11 -27.70
CA GLY A 245 -10.74 25.37 -28.03
C GLY A 245 -10.71 25.73 -29.51
N VAL A 246 -10.19 24.84 -30.35
CA VAL A 246 -10.09 25.03 -31.80
C VAL A 246 -10.94 23.97 -32.50
N VAL A 247 -10.84 22.73 -32.03
CA VAL A 247 -11.54 21.58 -32.54
C VAL A 247 -12.64 21.19 -31.57
N ARG A 248 -13.88 21.52 -31.90
CA ARG A 248 -15.04 21.18 -31.09
C ARG A 248 -15.17 19.64 -31.00
N GLY A 249 -15.61 19.15 -29.85
CA GLY A 249 -15.77 17.72 -29.64
C GLY A 249 -14.48 16.97 -29.43
N THR A 250 -13.37 17.67 -29.15
CA THR A 250 -12.07 17.02 -28.89
C THR A 250 -12.19 16.09 -27.68
N THR A 251 -11.57 14.91 -27.74
CA THR A 251 -11.56 13.97 -26.63
C THR A 251 -10.81 14.61 -25.42
N GLY A 252 -11.39 14.52 -24.23
CA GLY A 252 -10.76 15.04 -23.00
C GLY A 252 -9.52 14.26 -22.63
N GLN A 253 -8.66 14.82 -21.79
CA GLN A 253 -7.40 14.23 -21.35
C GLN A 253 -7.58 12.97 -20.54
N LEU A 254 -8.63 12.90 -19.73
CA LEU A 254 -8.89 11.70 -18.96
C LEU A 254 -9.96 10.88 -19.67
N ASP A 255 -9.78 10.71 -20.95
CA ASP A 255 -10.68 9.96 -21.79
C ASP A 255 -9.87 9.29 -22.90
N TYR A 256 -10.41 8.21 -23.44
CA TYR A 256 -9.74 7.49 -24.50
C TYR A 256 -9.74 8.31 -25.78
N PRO A 257 -8.55 8.59 -26.36
CA PRO A 257 -8.54 9.26 -27.67
C PRO A 257 -9.19 8.36 -28.73
N LEU A 258 -9.60 8.93 -29.87
CA LEU A 258 -10.25 8.15 -30.92
C LEU A 258 -9.36 7.03 -31.44
N GLY A 259 -9.93 5.87 -31.67
CA GLY A 259 -9.16 4.71 -32.14
C GLY A 259 -8.46 3.93 -31.03
N SER A 260 -8.83 4.21 -29.77
CA SER A 260 -8.33 3.50 -28.58
C SER A 260 -9.54 3.16 -27.71
N ASN A 261 -9.43 2.09 -26.92
CA ASN A 261 -10.51 1.68 -26.03
C ASN A 261 -9.97 0.80 -24.86
N PRO A 262 -10.76 0.55 -23.78
CA PRO A 262 -10.19 -0.17 -22.62
C PRO A 262 -9.70 -1.57 -22.85
N ASP A 263 -10.14 -2.19 -23.94
CA ASP A 263 -9.76 -3.55 -24.25
C ASP A 263 -8.46 -3.59 -25.08
N THR A 264 -8.15 -2.54 -25.88
CA THR A 264 -6.94 -2.56 -26.70
C THR A 264 -5.82 -1.68 -26.17
N HIS A 265 -6.18 -0.62 -25.45
CA HIS A 265 -5.19 0.32 -24.98
C HIS A 265 -5.27 0.58 -23.49
N ILE A 266 -4.11 0.96 -22.92
CA ILE A 266 -3.96 1.42 -21.55
C ILE A 266 -3.95 2.96 -21.64
N LEU A 267 -4.68 3.65 -20.75
CA LEU A 267 -4.82 5.10 -20.83
C LEU A 267 -3.86 5.85 -19.92
N VAL A 268 -3.02 6.72 -20.50
CA VAL A 268 -2.05 7.47 -19.73
C VAL A 268 -2.17 8.93 -20.04
N SER A 269 -2.26 9.78 -19.02
CA SER A 269 -2.27 11.21 -19.22
C SER A 269 -1.07 11.84 -18.54
N ILE A 270 -0.37 12.73 -19.24
CA ILE A 270 0.73 13.49 -18.70
C ILE A 270 0.10 14.69 -17.98
N VAL A 271 0.64 15.05 -16.81
CA VAL A 271 0.14 16.16 -16.05
C VAL A 271 1.27 17.19 -15.93
N ALA A 272 0.97 18.46 -16.27
CA ALA A 272 1.90 19.57 -16.19
C ALA A 272 2.05 19.94 -14.70
N TRP A 273 3.09 19.37 -14.08
CA TRP A 273 3.45 19.44 -12.67
C TRP A 273 4.39 20.63 -12.33
N ASP A 274 4.84 20.69 -11.09
CA ASP A 274 5.64 21.77 -10.53
C ASP A 274 6.90 21.17 -9.89
N HIS A 275 8.04 21.85 -10.01
CA HIS A 275 9.32 21.43 -9.45
C HIS A 275 9.23 21.20 -7.95
N PHE A 276 8.49 22.08 -7.26
CA PHE A 276 8.49 22.10 -5.82
C PHE A 276 7.26 21.63 -5.12
N SER A 277 6.27 21.13 -5.84
CA SER A 277 5.03 20.75 -5.17
C SER A 277 4.70 19.27 -5.28
N TRP A 278 3.78 18.80 -4.43
CA TRP A 278 3.22 17.47 -4.48
C TRP A 278 2.35 17.37 -5.76
N PRO A 279 2.10 16.15 -6.29
CA PRO A 279 1.34 16.02 -7.54
C PRO A 279 0.08 16.93 -7.68
N GLY A 280 -0.90 16.90 -6.80
CA GLY A 280 -2.08 17.78 -6.99
C GLY A 280 -1.99 19.31 -7.05
N ASN A 281 -0.89 19.90 -6.51
CA ASN A 281 -0.56 21.33 -6.30
C ASN A 281 -1.83 22.18 -5.85
N ASP A 282 -2.38 23.07 -6.69
CA ASP A 282 -3.53 23.89 -6.34
C ASP A 282 -4.70 23.11 -5.71
N TYR A 283 -4.94 21.85 -6.13
CA TYR A 283 -6.04 21.08 -5.58
C TYR A 283 -5.79 20.64 -4.11
N TRP A 284 -4.55 20.67 -3.60
CA TRP A 284 -4.36 20.44 -2.15
C TRP A 284 -5.07 21.54 -1.32
N GLY A 285 -5.29 22.70 -1.95
CA GLY A 285 -5.97 23.86 -1.38
C GLY A 285 -7.45 23.95 -1.75
N GLY A 286 -7.99 22.94 -2.43
CA GLY A 286 -9.39 22.84 -2.78
C GLY A 286 -9.79 23.38 -4.13
N ALA A 287 -8.82 23.95 -4.88
CA ALA A 287 -9.07 24.57 -6.19
C ALA A 287 -8.82 23.67 -7.39
N ARG A 288 -9.88 23.39 -8.16
CA ARG A 288 -9.80 22.55 -9.36
C ARG A 288 -9.49 23.51 -10.51
N GLN A 289 -8.21 23.99 -10.62
CA GLN A 289 -7.93 25.06 -11.58
C GLN A 289 -7.03 24.75 -12.76
N THR A 290 -5.80 24.40 -12.50
CA THR A 290 -4.82 24.23 -13.57
C THR A 290 -4.91 22.84 -14.18
N ASP A 291 -4.07 22.47 -15.18
CA ASP A 291 -4.04 21.10 -15.70
C ASP A 291 -3.71 20.14 -14.51
N ASP A 292 -2.72 20.52 -13.69
CA ASP A 292 -2.31 19.82 -12.48
C ASP A 292 -3.46 19.62 -11.46
N GLY A 293 -4.19 20.69 -11.13
CA GLY A 293 -5.27 20.67 -10.17
C GLY A 293 -6.54 20.05 -10.68
N VAL A 294 -6.87 20.25 -11.96
CA VAL A 294 -8.04 19.66 -12.57
C VAL A 294 -7.84 18.14 -12.65
N LYS A 295 -6.66 17.69 -13.11
CA LYS A 295 -6.39 16.26 -13.21
C LYS A 295 -6.34 15.53 -11.85
N ALA A 296 -5.76 16.13 -10.81
CA ALA A 296 -5.73 15.53 -9.47
C ALA A 296 -7.14 15.48 -8.83
N ALA A 297 -7.92 16.55 -9.00
CA ALA A 297 -9.29 16.64 -8.47
C ALA A 297 -10.24 15.68 -9.20
N SER A 298 -10.01 15.46 -10.51
CA SER A 298 -10.85 14.59 -11.33
C SER A 298 -10.50 13.09 -11.22
N THR A 299 -9.44 12.74 -10.49
CA THR A 299 -9.03 11.36 -10.28
C THR A 299 -8.96 11.08 -8.74
N ASP A 300 -8.46 9.88 -8.30
CA ASP A 300 -8.24 9.63 -6.88
C ASP A 300 -6.75 9.84 -6.54
N THR A 301 -6.07 10.81 -7.21
CA THR A 301 -4.66 11.18 -6.95
C THR A 301 -4.39 11.36 -5.44
N MET A 302 -5.23 12.15 -4.77
CA MET A 302 -5.10 12.43 -3.33
C MET A 302 -5.26 11.17 -2.48
N GLY A 303 -6.07 10.23 -2.94
CA GLY A 303 -6.24 8.93 -2.32
C GLY A 303 -4.98 8.11 -2.49
N GLN A 304 -4.31 8.22 -3.65
CA GLN A 304 -3.07 7.47 -3.89
C GLN A 304 -1.90 7.96 -3.03
N VAL A 305 -1.76 9.29 -2.91
CA VAL A 305 -0.69 9.93 -2.16
C VAL A 305 -0.88 9.86 -0.63
N THR A 306 -2.07 10.16 -0.13
CA THR A 306 -2.30 10.11 1.32
C THR A 306 -2.67 8.72 1.85
N GLY A 307 -3.07 7.81 0.96
CA GLY A 307 -3.53 6.49 1.37
C GLY A 307 -4.96 6.48 1.86
N ALA A 308 -5.58 7.66 2.03
CA ALA A 308 -6.96 7.74 2.49
C ALA A 308 -7.95 7.52 1.34
N THR A 309 -9.17 7.08 1.66
CA THR A 309 -10.19 6.93 0.63
C THR A 309 -11.12 8.13 0.69
N GLY A 310 -11.09 8.95 -0.35
CA GLY A 310 -11.97 10.10 -0.44
C GLY A 310 -13.32 9.77 -1.08
N VAL A 311 -14.12 10.78 -1.34
CA VAL A 311 -15.42 10.64 -1.98
C VAL A 311 -15.53 11.55 -3.21
N TYR A 312 -15.83 10.98 -4.39
CA TYR A 312 -15.98 11.78 -5.59
C TYR A 312 -17.28 12.58 -5.58
N ASP A 313 -17.20 13.88 -5.84
CA ASP A 313 -18.37 14.78 -5.90
C ASP A 313 -18.71 15.03 -7.37
N LYS A 314 -19.72 14.31 -7.89
CA LYS A 314 -20.15 14.38 -9.28
C LYS A 314 -20.56 15.79 -9.74
N LYS A 315 -21.07 16.65 -8.84
CA LYS A 315 -21.54 17.99 -9.19
C LYS A 315 -20.42 19.03 -9.38
N TRP A 316 -19.36 18.94 -8.57
CA TRP A 316 -18.18 19.81 -8.62
C TRP A 316 -16.98 19.18 -9.36
N GLY A 317 -17.08 17.89 -9.69
CA GLY A 317 -16.04 17.13 -10.35
C GLY A 317 -14.76 17.05 -9.56
N ARG A 318 -14.88 16.94 -8.22
CA ARG A 318 -13.74 16.91 -7.25
C ARG A 318 -13.78 15.67 -6.34
N TYR A 319 -12.63 15.08 -6.09
CA TYR A 319 -12.43 13.97 -5.18
C TYR A 319 -12.18 14.61 -3.81
N MET A 320 -13.18 14.55 -2.92
CA MET A 320 -13.18 15.21 -1.61
C MET A 320 -12.54 14.40 -0.48
N PRO A 321 -11.97 15.03 0.57
CA PRO A 321 -11.38 14.25 1.68
C PRO A 321 -12.41 13.39 2.42
N PRO A 322 -11.99 12.33 3.13
CA PRO A 322 -12.97 11.46 3.82
C PRO A 322 -13.97 12.23 4.68
N GLU A 323 -15.22 11.75 4.74
CA GLU A 323 -16.27 12.39 5.51
C GLU A 323 -15.89 12.51 6.99
N SER A 324 -15.15 11.50 7.51
CA SER A 324 -14.68 11.43 8.89
C SER A 324 -13.71 12.56 9.25
N PHE A 325 -13.01 13.11 8.26
CA PHE A 325 -12.08 14.20 8.49
C PHE A 325 -12.83 15.52 8.48
N THR A 326 -13.66 15.73 7.46
CA THR A 326 -14.38 16.98 7.25
C THR A 326 -15.48 17.29 8.27
N LYS A 327 -16.11 16.26 8.88
CA LYS A 327 -17.18 16.47 9.88
C LYS A 327 -16.77 17.44 10.99
N ASP A 328 -15.48 17.43 11.36
CA ASP A 328 -14.90 18.31 12.35
C ASP A 328 -14.71 19.72 11.78
N MET A 332 -10.94 24.53 8.10
CA MET A 332 -9.71 23.92 7.59
C MET A 332 -9.97 22.45 7.25
N SER A 333 -10.54 22.17 6.06
CA SER A 333 -10.86 20.79 5.73
C SER A 333 -10.44 20.36 4.34
N ASP A 334 -9.47 21.08 3.71
CA ASP A 334 -9.03 20.63 2.39
C ASP A 334 -7.95 19.52 2.52
N TRP A 335 -7.54 18.93 1.39
CA TRP A 335 -6.60 17.82 1.38
C TRP A 335 -5.23 18.15 2.01
N GLY A 336 -4.80 19.41 1.91
CA GLY A 336 -3.56 19.86 2.52
C GLY A 336 -3.66 19.86 4.03
N ASP A 337 -4.84 20.18 4.58
CA ASP A 337 -5.06 20.12 6.02
C ASP A 337 -5.12 18.65 6.49
N TYR A 338 -5.58 17.73 5.62
CA TYR A 338 -5.61 16.31 5.93
C TYR A 338 -4.18 15.80 6.11
N VAL A 339 -3.26 16.22 5.24
CA VAL A 339 -1.87 15.78 5.36
C VAL A 339 -1.21 16.41 6.60
N ARG A 340 -1.53 17.67 6.95
CA ARG A 340 -0.98 18.30 8.16
C ARG A 340 -1.50 17.58 9.43
N GLU A 341 -2.78 17.20 9.42
CA GLU A 341 -3.37 16.51 10.56
C GLU A 341 -2.79 15.11 10.74
N ASN A 342 -2.44 14.43 9.64
CA ASN A 342 -1.97 13.05 9.70
C ASN A 342 -0.47 12.84 9.51
N GLY A 343 0.29 13.91 9.32
CA GLY A 343 1.74 13.83 9.14
C GLY A 343 2.17 13.08 7.90
N ILE A 344 1.46 13.26 6.77
CA ILE A 344 1.78 12.60 5.52
C ILE A 344 2.89 13.33 4.77
N VAL A 345 3.84 12.58 4.21
CA VAL A 345 4.95 13.16 3.45
C VAL A 345 4.99 12.57 2.02
N PHE A 346 5.55 13.33 1.09
CA PHE A 346 5.66 12.89 -0.29
C PHE A 346 6.98 12.16 -0.38
N ASN A 347 6.94 10.82 -0.35
CA ASN A 347 8.14 10.02 -0.36
C ASN A 347 7.77 8.65 -0.84
N GLY A 348 8.44 8.21 -1.89
CA GLY A 348 8.15 6.91 -2.48
C GLY A 348 9.35 6.33 -3.19
N PRO A 349 9.14 5.14 -3.79
CA PRO A 349 10.25 4.50 -4.49
C PRO A 349 10.70 5.34 -5.69
N VAL A 350 11.98 5.22 -6.04
CA VAL A 350 12.54 6.01 -7.12
C VAL A 350 13.44 5.15 -8.03
N LEU A 351 13.18 5.19 -9.34
CA LEU A 351 13.96 4.46 -10.33
C LEU A 351 14.57 5.47 -11.33
N ALA A 352 15.65 5.07 -12.01
CA ALA A 352 16.31 5.95 -12.98
C ALA A 352 16.76 5.20 -14.20
N LEU A 353 16.78 5.89 -15.33
CA LEU A 353 17.27 5.29 -16.56
C LEU A 353 18.77 5.11 -16.46
N ASP A 354 19.27 3.91 -16.76
CA ASP A 354 20.71 3.65 -16.75
C ASP A 354 21.30 3.93 -18.16
N LYS A 355 22.60 3.69 -18.35
CA LYS A 355 23.27 3.87 -19.65
C LYS A 355 22.54 3.16 -20.81
N SER A 356 22.18 1.86 -20.63
CA SER A 356 21.51 1.07 -21.68
C SER A 356 20.09 1.50 -22.06
N GLY A 357 19.48 2.38 -21.29
CA GLY A 357 18.13 2.85 -21.60
C GLY A 357 17.00 2.04 -20.96
N LYS A 358 17.21 1.56 -19.75
CA LYS A 358 16.23 0.81 -18.99
C LYS A 358 16.10 1.41 -17.56
N LEU A 359 14.96 1.19 -16.90
CA LEU A 359 14.74 1.71 -15.55
C LEU A 359 15.23 0.72 -14.50
N ASP A 360 16.01 1.20 -13.53
CA ASP A 360 16.49 0.36 -12.44
C ASP A 360 16.79 1.17 -11.17
N THR A 361 17.12 0.51 -10.06
CA THR A 361 17.41 1.13 -8.77
C THR A 361 18.54 2.15 -8.85
N LEU A 362 18.57 3.07 -7.91
CA LEU A 362 19.61 4.10 -7.88
C LEU A 362 20.89 3.64 -7.22
N GLU A 363 20.92 2.43 -6.62
CA GLU A 363 22.11 1.88 -5.98
C GLU A 363 22.56 0.67 -6.80
N ALA B 1 9.34 -17.94 21.43
CA ALA B 1 9.50 -16.72 20.66
C ALA B 1 8.45 -16.55 19.59
N TYR B 2 7.36 -15.83 19.89
CA TYR B 2 6.35 -15.46 18.91
C TYR B 2 6.50 -13.94 18.59
N GLN B 3 5.91 -13.48 17.49
CA GLN B 3 6.03 -12.08 17.06
C GLN B 3 4.68 -11.47 16.70
N LEU B 4 4.22 -10.46 17.44
CA LEU B 4 2.95 -9.80 17.15
C LEU B 4 3.11 -8.76 16.03
N LEU B 5 2.16 -8.70 15.10
CA LEU B 5 2.22 -7.74 14.00
C LEU B 5 0.88 -7.03 13.82
N LEU B 6 0.93 -5.80 13.32
CA LEU B 6 -0.28 -5.01 13.05
C LEU B 6 -0.01 -4.00 11.92
N SER B 7 -1.08 -3.54 11.25
CA SER B 7 -0.93 -2.60 10.13
C SER B 7 -0.66 -1.16 10.58
N LYS B 8 -0.42 -0.23 9.63
CA LYS B 8 -0.22 1.18 9.94
C LYS B 8 -1.54 1.79 10.40
N GLU B 9 -2.66 1.46 9.72
CA GLU B 9 -3.99 1.93 10.10
C GLU B 9 -4.37 1.44 11.49
N THR B 10 -3.87 0.24 11.91
CA THR B 10 -4.13 -0.30 13.25
C THR B 10 -3.34 0.51 14.27
N LEU B 11 -2.07 0.80 13.98
CA LEU B 11 -1.19 1.63 14.82
C LEU B 11 -1.80 3.03 15.03
N ASN B 12 -2.47 3.57 14.00
CA ASN B 12 -3.15 4.87 14.09
C ASN B 12 -4.37 4.78 15.01
N LYS B 13 -5.12 3.67 14.93
CA LYS B 13 -6.29 3.42 15.80
C LYS B 13 -5.86 3.34 17.27
N ILE B 14 -4.71 2.68 17.52
CA ILE B 14 -4.10 2.56 18.83
C ILE B 14 -3.65 3.93 19.36
N LEU B 15 -2.98 4.75 18.54
CA LEU B 15 -2.53 6.09 18.94
C LEU B 15 -3.74 6.95 19.32
N GLN B 16 -4.81 6.93 18.49
CA GLN B 16 -6.04 7.69 18.71
C GLN B 16 -6.76 7.22 19.98
N TYR B 17 -6.72 5.89 20.26
CA TYR B 17 -7.35 5.34 21.44
C TYR B 17 -6.60 5.77 22.68
N LYS B 18 -5.27 5.69 22.67
CA LYS B 18 -4.44 6.12 23.80
C LYS B 18 -4.67 7.62 24.08
N GLN B 19 -4.80 8.41 23.01
CA GLN B 19 -5.08 9.83 23.14
C GLN B 19 -6.46 10.07 23.72
N ASN B 20 -7.49 9.30 23.31
CA ASN B 20 -8.84 9.48 23.83
C ASN B 20 -8.92 9.11 25.30
N LEU B 21 -8.14 8.10 25.75
CA LEU B 21 -8.09 7.75 27.15
C LEU B 21 -7.36 8.83 27.95
N GLU B 22 -6.32 9.45 27.34
CA GLU B 22 -5.56 10.51 27.97
C GLU B 22 -6.41 11.78 28.08
N LYS B 23 -7.29 12.07 27.09
CA LYS B 23 -8.20 13.21 27.11
C LYS B 23 -9.50 12.99 27.87
N GLY B 24 -9.76 11.77 28.37
CA GLY B 24 -10.99 11.48 29.09
C GLY B 24 -12.22 11.29 28.21
N LEU B 25 -11.99 11.03 26.93
CA LEU B 25 -13.09 10.83 25.97
C LEU B 25 -13.53 9.39 25.87
N ALA B 26 -12.67 8.45 26.24
CA ALA B 26 -12.98 7.05 26.21
C ALA B 26 -12.84 6.47 27.62
N THR B 27 -13.59 5.38 27.87
CA THR B 27 -13.55 4.61 29.10
C THR B 27 -12.95 3.27 28.72
N PRO B 28 -11.89 2.81 29.38
CA PRO B 28 -11.32 1.49 29.03
C PRO B 28 -12.26 0.37 29.46
N GLY B 29 -12.20 -0.74 28.77
CA GLY B 29 -13.00 -1.91 29.11
C GLY B 29 -12.50 -2.57 30.38
N LYS B 30 -13.35 -3.35 31.01
CA LYS B 30 -13.04 -4.07 32.24
C LYS B 30 -11.79 -4.93 32.16
N PHE B 31 -11.61 -5.70 31.08
CA PHE B 31 -10.44 -6.56 30.96
C PHE B 31 -9.13 -5.78 30.70
N PHE B 32 -9.16 -4.70 29.88
CA PHE B 32 -7.97 -3.87 29.64
C PHE B 32 -7.59 -3.18 30.92
N LEU B 33 -8.58 -2.63 31.64
CA LEU B 33 -8.40 -1.97 32.93
C LEU B 33 -7.84 -2.91 34.02
N GLU B 34 -8.17 -4.21 33.94
CA GLU B 34 -7.62 -5.20 34.87
C GLU B 34 -6.10 -5.32 34.63
N GLU B 35 -5.66 -5.22 33.37
CA GLU B 35 -4.25 -5.30 33.05
C GLU B 35 -3.51 -4.04 33.47
N LEU B 36 -4.09 -2.85 33.22
CA LEU B 36 -3.52 -1.53 33.62
C LEU B 36 -3.41 -1.42 35.15
N SER B 37 -4.40 -1.93 35.88
CA SER B 37 -4.36 -1.88 37.34
C SER B 37 -3.33 -2.87 37.96
N LYS B 38 -2.73 -3.75 37.13
CA LYS B 38 -1.67 -4.68 37.57
C LYS B 38 -0.25 -4.06 37.43
N GLN B 39 -0.15 -2.77 37.05
CA GLN B 39 1.10 -2.00 36.92
C GLN B 39 0.90 -0.54 37.39
N GLU B 40 1.98 0.20 37.69
CA GLU B 40 1.83 1.52 38.30
C GLU B 40 1.72 2.72 37.35
N LYS B 41 2.21 2.62 36.11
CA LYS B 41 2.15 3.78 35.19
C LYS B 41 0.73 4.11 34.72
N SER B 42 0.46 5.39 34.56
CA SER B 42 -0.79 5.86 34.00
C SER B 42 -0.65 5.81 32.45
N ILE B 43 -1.76 5.90 31.73
CA ILE B 43 -1.73 5.86 30.26
C ILE B 43 -0.81 6.96 29.68
N SER B 44 -0.77 8.11 30.35
CA SER B 44 0.00 9.28 29.96
C SER B 44 1.51 9.03 29.99
N GLU B 45 2.04 8.44 31.07
CA GLU B 45 3.47 8.20 31.18
C GLU B 45 3.95 6.87 30.61
N MET B 46 3.11 6.23 29.80
CA MET B 46 3.36 4.93 29.21
C MET B 46 3.78 5.08 27.75
N ASP B 47 4.69 4.23 27.26
CA ASP B 47 5.06 4.24 25.85
C ASP B 47 3.96 3.57 25.01
N ILE B 48 3.94 3.86 23.72
CA ILE B 48 2.98 3.31 22.79
C ILE B 48 3.12 1.80 22.71
N THR B 49 4.36 1.27 22.77
CA THR B 49 4.55 -0.18 22.67
C THR B 49 3.97 -0.85 23.94
N THR B 50 4.22 -0.28 25.11
CA THR B 50 3.71 -0.78 26.40
C THR B 50 2.18 -0.75 26.42
N PHE B 51 1.57 0.33 25.91
CA PHE B 51 0.12 0.48 25.84
C PHE B 51 -0.51 -0.64 25.00
N THR B 52 0.00 -0.88 23.77
CA THR B 52 -0.58 -1.93 22.91
C THR B 52 -0.28 -3.29 23.52
N GLN B 53 0.88 -3.48 24.18
CA GLN B 53 1.19 -4.74 24.84
C GLN B 53 0.17 -5.07 25.94
N LEU B 54 -0.23 -4.07 26.73
CA LEU B 54 -1.22 -4.28 27.80
C LEU B 54 -2.60 -4.57 27.20
N LEU B 55 -2.92 -3.99 26.02
CA LEU B 55 -4.20 -4.28 25.40
C LEU B 55 -4.19 -5.74 24.91
N ILE B 56 -3.12 -6.16 24.23
CA ILE B 56 -3.01 -7.54 23.77
C ILE B 56 -3.05 -8.52 24.94
N GLN B 57 -2.39 -8.17 26.06
CA GLN B 57 -2.34 -8.95 27.29
C GLN B 57 -3.74 -9.18 27.89
N SER B 58 -4.73 -8.34 27.55
CA SER B 58 -6.09 -8.52 28.08
C SER B 58 -6.82 -9.73 27.48
N LYS B 59 -6.27 -10.35 26.41
CA LYS B 59 -6.82 -11.56 25.81
C LYS B 59 -6.75 -12.71 26.82
N LYS B 60 -7.70 -13.62 26.76
CA LYS B 60 -7.76 -14.76 27.67
C LYS B 60 -7.33 -16.05 26.91
N PRO B 61 -6.84 -17.10 27.61
CA PRO B 61 -6.45 -18.33 26.87
C PRO B 61 -7.56 -18.84 25.92
N GLN B 62 -8.78 -18.86 26.46
CA GLN B 62 -9.94 -19.33 25.74
C GLN B 62 -11.12 -18.37 25.92
N VAL B 63 -11.78 -17.99 24.83
CA VAL B 63 -12.95 -17.11 24.83
C VAL B 63 -13.51 -17.26 23.42
N PHE B 64 -14.80 -17.47 23.25
CA PHE B 64 -15.35 -17.74 21.91
C PHE B 64 -15.77 -16.57 21.00
N ALA B 65 -16.07 -15.41 21.55
CA ALA B 65 -16.37 -14.19 20.76
C ALA B 65 -17.68 -14.04 20.04
N GLU B 66 -18.14 -15.08 19.38
CA GLU B 66 -19.40 -15.05 18.68
C GLU B 66 -20.52 -15.32 19.66
N SER B 67 -20.17 -15.62 20.90
CA SER B 67 -21.18 -15.98 21.87
C SER B 67 -20.97 -15.45 23.27
N GLN B 68 -19.72 -15.23 23.67
CA GLN B 68 -19.48 -14.83 25.05
C GLN B 68 -19.07 -13.36 25.30
N VAL B 69 -19.02 -12.54 24.25
CA VAL B 69 -18.60 -11.16 24.38
C VAL B 69 -19.76 -10.21 24.18
N TYR B 70 -19.91 -9.24 25.08
CA TYR B 70 -21.03 -8.30 25.01
C TYR B 70 -20.69 -7.03 24.29
N HIS B 71 -19.41 -6.77 24.07
CA HIS B 71 -18.92 -5.59 23.32
C HIS B 71 -19.30 -4.22 23.93
N ASP B 72 -19.79 -4.20 25.17
CA ASP B 72 -20.23 -2.97 25.84
C ASP B 72 -19.30 -2.49 26.95
N GLY B 73 -18.04 -2.94 26.94
CA GLY B 73 -17.08 -2.58 27.96
C GLY B 73 -17.00 -3.52 29.16
N THR B 74 -18.08 -4.30 29.45
CA THR B 74 -18.02 -5.25 30.58
C THR B 74 -16.94 -6.34 30.36
N ASP B 75 -16.43 -6.46 29.13
CA ASP B 75 -15.33 -7.32 28.78
C ASP B 75 -14.35 -6.42 27.99
N TRP B 76 -14.71 -6.06 26.74
CA TRP B 76 -13.94 -5.15 25.88
C TRP B 76 -14.90 -4.19 25.20
N THR B 77 -14.43 -2.97 24.91
CA THR B 77 -15.24 -2.00 24.20
C THR B 77 -15.11 -2.21 22.70
N LEU B 78 -15.94 -1.53 21.90
CA LEU B 78 -15.88 -1.59 20.44
C LEU B 78 -14.55 -1.05 19.93
N GLU B 79 -14.05 0.04 20.53
CA GLU B 79 -12.76 0.61 20.15
C GLU B 79 -11.61 -0.38 20.37
N GLU B 80 -11.60 -1.13 21.48
CA GLU B 80 -10.56 -2.13 21.77
C GLU B 80 -10.65 -3.34 20.85
N GLU B 81 -11.86 -3.73 20.51
CA GLU B 81 -12.16 -4.85 19.65
C GLU B 81 -11.65 -4.55 18.24
N SER B 82 -11.86 -3.31 17.75
CA SER B 82 -11.37 -2.87 16.43
C SER B 82 -9.86 -3.07 16.32
N ILE B 83 -9.14 -2.77 17.41
CA ILE B 83 -7.72 -2.95 17.48
C ILE B 83 -7.33 -4.43 17.57
N LEU B 84 -7.93 -5.17 18.52
CA LEU B 84 -7.61 -6.57 18.78
C LEU B 84 -7.85 -7.47 17.59
N GLY B 85 -8.86 -7.17 16.80
CA GLY B 85 -9.15 -7.91 15.58
C GLY B 85 -8.09 -7.76 14.52
N ASP B 86 -7.34 -6.65 14.53
CA ASP B 86 -6.28 -6.43 13.54
C ASP B 86 -4.94 -7.00 13.92
N VAL B 87 -4.76 -7.36 15.19
CA VAL B 87 -3.50 -7.91 15.66
C VAL B 87 -3.31 -9.36 15.17
N SER B 88 -2.13 -9.65 14.63
CA SER B 88 -1.81 -11.01 14.19
C SER B 88 -0.57 -11.51 14.96
N VAL B 89 -0.32 -12.83 14.92
CA VAL B 89 0.85 -13.36 15.62
C VAL B 89 1.50 -14.53 14.85
N ASN B 90 2.81 -14.44 14.62
CA ASN B 90 3.54 -15.52 13.97
C ASN B 90 4.49 -16.22 14.93
N MET B 91 4.88 -17.44 14.60
CA MET B 91 5.76 -18.22 15.43
C MET B 91 6.32 -19.40 14.65
N PRO B 92 7.61 -19.73 14.86
CA PRO B 92 8.15 -20.94 14.21
C PRO B 92 7.52 -22.17 14.87
N VAL B 93 7.14 -23.19 14.09
CA VAL B 93 6.51 -24.39 14.65
C VAL B 93 7.03 -25.72 14.04
N THR B 94 6.82 -26.83 14.76
CA THR B 94 7.05 -28.18 14.29
C THR B 94 5.63 -28.68 14.01
N MET B 95 5.34 -29.11 12.79
CA MET B 95 4.03 -29.61 12.45
C MET B 95 4.09 -31.12 12.53
N TYR B 96 3.38 -31.69 13.50
CA TYR B 96 3.40 -33.12 13.72
C TYR B 96 2.43 -33.91 12.84
N ASN B 97 1.40 -33.25 12.31
CA ASN B 97 0.45 -33.91 11.42
C ASN B 97 -0.02 -32.93 10.32
N ASP B 98 -0.80 -33.41 9.33
CA ASP B 98 -1.27 -32.58 8.21
C ASP B 98 -2.37 -31.55 8.59
N GLY B 99 -2.77 -31.52 9.86
CA GLY B 99 -3.78 -30.59 10.34
C GLY B 99 -5.22 -30.97 10.04
N GLY B 100 -5.44 -32.26 9.80
CA GLY B 100 -6.78 -32.79 9.53
C GLY B 100 -7.66 -32.73 10.76
N HIS B 101 -8.91 -32.30 10.58
CA HIS B 101 -9.89 -32.19 11.66
C HIS B 101 -10.37 -33.57 12.12
N GLY B 102 -10.90 -33.65 13.34
CA GLY B 102 -11.43 -34.86 13.97
C GLY B 102 -10.41 -35.97 14.04
N SER B 103 -10.80 -37.16 13.62
CA SER B 103 -9.87 -38.28 13.56
C SER B 103 -9.18 -38.39 12.20
N SER B 104 -9.41 -37.42 11.28
CA SER B 104 -8.93 -37.46 9.91
C SER B 104 -7.58 -36.79 9.68
N PHE B 105 -6.75 -36.75 10.71
CA PHE B 105 -5.41 -36.19 10.56
C PHE B 105 -4.48 -37.30 10.04
N LYS B 106 -3.28 -36.93 9.59
CA LYS B 106 -2.26 -37.87 9.11
C LYS B 106 -0.94 -37.46 9.71
N ASN B 107 -0.38 -38.29 10.57
CA ASN B 107 0.90 -38.00 11.23
C ASN B 107 2.02 -37.92 10.21
N HIS B 108 2.91 -36.97 10.41
CA HIS B 108 4.06 -36.84 9.53
C HIS B 108 5.05 -37.88 10.02
N PRO B 109 5.51 -38.77 9.14
CA PRO B 109 6.53 -39.75 9.56
C PRO B 109 7.76 -39.05 10.15
N LYS B 110 8.09 -37.89 9.59
CA LYS B 110 9.11 -36.99 10.11
C LYS B 110 8.42 -35.60 10.23
N PRO B 111 8.21 -35.06 11.46
CA PRO B 111 7.53 -33.76 11.58
C PRO B 111 8.17 -32.62 10.80
N ILE B 112 7.33 -31.81 10.16
CA ILE B 112 7.72 -30.68 9.33
C ILE B 112 8.20 -29.49 10.18
N SER B 113 9.14 -28.69 9.65
CA SER B 113 9.57 -27.47 10.34
C SER B 113 8.99 -26.33 9.51
N GLY B 114 8.04 -25.60 10.07
CA GLY B 114 7.42 -24.50 9.35
C GLY B 114 7.08 -23.33 10.26
N TYR B 115 6.08 -22.53 9.87
CA TYR B 115 5.63 -21.36 10.61
C TYR B 115 4.11 -21.27 10.60
N LEU B 116 3.53 -20.65 11.62
CA LEU B 116 2.08 -20.41 11.70
C LEU B 116 1.86 -18.91 11.83
N ALA B 117 0.78 -18.42 11.25
CA ALA B 117 0.45 -17.00 11.33
C ALA B 117 -1.02 -16.88 11.69
N TYR B 118 -1.31 -16.62 12.96
CA TYR B 118 -2.66 -16.44 13.49
C TYR B 118 -3.14 -15.07 13.12
N VAL B 119 -4.29 -14.98 12.47
CA VAL B 119 -4.88 -13.72 12.02
C VAL B 119 -6.39 -13.84 12.31
N PRO B 120 -7.02 -12.86 12.99
CA PRO B 120 -8.48 -12.97 13.21
C PRO B 120 -9.23 -12.63 11.93
N GLY B 121 -10.31 -13.34 11.69
CA GLY B 121 -11.18 -13.07 10.56
C GLY B 121 -12.21 -12.01 10.91
N ALA B 122 -13.02 -11.62 9.93
CA ALA B 122 -14.07 -10.62 10.18
C ALA B 122 -15.13 -11.25 11.09
N LEU B 123 -15.33 -10.69 12.27
CA LEU B 123 -16.31 -11.20 13.21
C LEU B 123 -17.68 -10.67 12.83
N LEU B 124 -18.49 -11.53 12.19
CA LEU B 124 -19.85 -11.18 11.75
C LEU B 124 -20.94 -11.92 12.52
N ALA B 125 -20.63 -12.42 13.72
CA ALA B 125 -21.59 -13.11 14.58
C ALA B 125 -21.51 -12.53 15.96
N SER B 126 -22.64 -12.47 16.67
CA SER B 126 -22.64 -11.93 18.03
C SER B 126 -23.78 -12.46 18.87
N GLY B 127 -23.50 -12.65 20.14
CA GLY B 127 -24.50 -13.09 21.10
C GLY B 127 -25.31 -11.96 21.69
N SER B 128 -24.89 -10.68 21.48
CA SER B 128 -25.63 -9.56 22.03
C SER B 128 -25.91 -8.40 20.99
N GLY B 129 -24.92 -7.59 20.61
CA GLY B 129 -25.14 -6.49 19.68
C GLY B 129 -24.13 -6.49 18.55
N PRO B 130 -24.28 -5.58 17.59
CA PRO B 130 -23.34 -5.53 16.47
C PRO B 130 -21.86 -5.39 16.87
N THR B 131 -20.99 -6.11 16.17
CA THR B 131 -19.56 -6.08 16.43
C THR B 131 -18.89 -4.98 15.59
N SER B 132 -17.64 -4.61 15.95
CA SER B 132 -16.85 -3.63 15.22
C SER B 132 -16.67 -4.02 13.75
N ASP B 133 -16.57 -5.32 13.47
CA ASP B 133 -16.40 -5.78 12.09
C ASP B 133 -17.68 -5.72 11.29
N MET B 134 -18.85 -5.85 11.93
CA MET B 134 -20.15 -5.77 11.27
C MET B 134 -20.39 -4.32 10.84
N LYS B 135 -20.14 -3.37 11.74
CA LYS B 135 -20.30 -1.96 11.45
C LYS B 135 -19.37 -1.50 10.31
N GLU B 136 -18.21 -2.15 10.17
CA GLU B 136 -17.19 -1.84 9.17
C GLU B 136 -17.43 -2.44 7.77
N VAL B 137 -17.72 -3.75 7.66
CA VAL B 137 -17.86 -4.39 6.35
C VAL B 137 -19.31 -4.47 5.82
N LEU B 138 -20.31 -4.10 6.63
CA LEU B 138 -21.70 -4.14 6.17
C LEU B 138 -22.28 -2.77 5.84
N ASP B 139 -23.09 -2.71 4.76
CA ASP B 139 -23.81 -1.52 4.32
C ASP B 139 -25.23 -1.99 4.10
N ASN B 140 -26.12 -1.66 5.04
CA ASN B 140 -27.52 -2.07 5.04
C ASN B 140 -27.63 -3.59 5.11
N GLY B 141 -26.90 -4.17 6.06
CA GLY B 141 -26.88 -5.61 6.30
C GLY B 141 -26.30 -6.45 5.18
N LYS B 142 -25.70 -5.81 4.17
CA LYS B 142 -25.13 -6.54 3.04
C LYS B 142 -23.63 -6.47 3.02
N LEU B 143 -22.99 -7.62 2.84
CA LEU B 143 -21.56 -7.82 2.72
C LEU B 143 -20.97 -6.92 1.61
N ASN B 144 -20.01 -6.04 1.95
CA ASN B 144 -19.37 -5.15 0.97
C ASN B 144 -17.97 -5.65 0.61
N GLN B 145 -17.74 -6.01 -0.66
CA GLN B 145 -16.44 -6.54 -1.11
C GLN B 145 -15.26 -5.56 -0.94
N ASP B 146 -15.41 -4.29 -1.37
CA ASP B 146 -14.32 -3.31 -1.20
C ASP B 146 -13.94 -3.13 0.29
N LYS B 147 -14.92 -3.10 1.21
CA LYS B 147 -14.69 -2.95 2.64
C LYS B 147 -14.13 -4.21 3.31
N LEU B 148 -14.55 -5.38 2.86
CA LEU B 148 -14.04 -6.64 3.36
C LEU B 148 -12.59 -6.81 2.90
N ASN B 149 -12.28 -6.39 1.64
CA ASN B 149 -10.94 -6.43 1.04
C ASN B 149 -9.96 -5.60 1.87
N ALA B 150 -10.43 -4.42 2.35
CA ALA B 150 -9.66 -3.48 3.14
C ALA B 150 -9.32 -4.06 4.51
N LEU B 151 -10.29 -4.72 5.16
CA LEU B 151 -10.12 -5.35 6.46
C LEU B 151 -9.09 -6.50 6.39
N TYR B 152 -9.28 -7.45 5.44
CA TYR B 152 -8.35 -8.57 5.27
C TYR B 152 -6.97 -8.10 4.78
N GLU B 153 -6.90 -6.97 4.06
CA GLU B 153 -5.64 -6.36 3.61
C GLU B 153 -4.87 -5.89 4.85
N ARG B 154 -5.56 -5.17 5.73
CA ARG B 154 -5.01 -4.67 6.98
C ARG B 154 -4.44 -5.81 7.85
N ARG B 155 -5.16 -6.94 7.93
CA ARG B 155 -4.76 -8.03 8.79
C ARG B 155 -3.74 -9.00 8.21
N LEU B 156 -3.88 -9.37 6.94
CA LEU B 156 -3.01 -10.35 6.28
C LEU B 156 -1.72 -9.79 5.74
N LEU B 157 -1.75 -8.54 5.28
CA LEU B 157 -0.59 -7.89 4.66
C LEU B 157 0.66 -7.83 5.54
N PRO B 158 0.62 -7.50 6.85
CA PRO B 158 1.86 -7.51 7.64
C PRO B 158 2.49 -8.92 7.74
N GLN B 159 1.65 -9.97 7.68
CA GLN B 159 2.14 -11.34 7.73
C GLN B 159 2.77 -11.71 6.39
N LEU B 160 2.16 -11.30 5.28
CA LEU B 160 2.72 -11.59 3.96
C LEU B 160 4.08 -10.94 3.78
N ILE B 161 4.25 -9.72 4.29
CA ILE B 161 5.53 -9.02 4.22
C ILE B 161 6.57 -9.62 5.16
N HIS B 162 6.13 -10.18 6.30
CA HIS B 162 7.03 -10.82 7.23
C HIS B 162 7.69 -12.07 6.60
N PHE B 163 6.88 -12.95 5.99
CA PHE B 163 7.41 -14.18 5.43
C PHE B 163 8.11 -13.98 4.09
N ASN B 164 7.90 -12.85 3.44
CA ASN B 164 8.58 -12.50 2.22
C ASN B 164 10.07 -12.24 2.56
N GLU B 165 10.34 -11.38 3.57
CA GLU B 165 11.68 -11.04 4.04
C GLU B 165 12.39 -12.24 4.67
N LEU B 166 11.63 -13.07 5.41
CA LEU B 166 12.19 -14.27 6.02
C LEU B 166 12.60 -15.29 4.93
N ALA B 167 11.85 -15.36 3.82
CA ALA B 167 12.19 -16.25 2.70
C ALA B 167 13.48 -15.74 2.03
N ARG B 168 13.59 -14.42 1.82
CA ARG B 168 14.76 -13.76 1.23
C ARG B 168 16.02 -13.99 2.08
N GLN B 169 15.86 -13.94 3.41
CA GLN B 169 16.95 -14.17 4.37
C GLN B 169 17.44 -15.65 4.41
N ASN B 170 16.69 -16.57 3.80
CA ASN B 170 17.05 -17.98 3.70
C ASN B 170 17.21 -18.44 2.24
N GLU B 171 17.26 -17.49 1.27
CA GLU B 171 17.33 -17.71 -0.19
C GLU B 171 16.35 -18.77 -0.66
N LYS B 172 15.16 -18.76 -0.05
CA LYS B 172 14.06 -19.69 -0.30
C LYS B 172 12.82 -18.94 -0.83
N GLN B 173 11.81 -19.68 -1.29
CA GLN B 173 10.52 -19.11 -1.68
C GLN B 173 9.47 -19.49 -0.60
N ALA B 174 8.30 -18.84 -0.61
CA ALA B 174 7.29 -19.10 0.41
C ALA B 174 6.09 -19.88 -0.09
N ALA B 175 5.74 -20.95 0.63
CA ALA B 175 4.53 -21.71 0.34
C ALA B 175 3.54 -21.39 1.50
N ILE B 176 2.36 -20.84 1.18
CA ILE B 176 1.39 -20.43 2.21
C ILE B 176 0.07 -21.18 2.13
N THR B 177 -0.35 -21.85 3.22
CA THR B 177 -1.63 -22.55 3.25
C THR B 177 -2.61 -21.68 4.04
N ILE B 178 -3.81 -21.43 3.48
CA ILE B 178 -4.78 -20.55 4.10
C ILE B 178 -6.14 -21.24 4.22
N PRO B 179 -6.84 -21.18 5.37
CA PRO B 179 -8.19 -21.77 5.44
C PRO B 179 -9.25 -20.71 5.07
N GLY B 180 -10.53 -21.05 5.21
CA GLY B 180 -11.59 -20.09 4.95
C GLY B 180 -11.81 -19.21 6.18
N ILE B 181 -10.92 -18.22 6.39
CA ILE B 181 -11.03 -17.32 7.55
C ILE B 181 -12.36 -16.56 7.55
N GLY B 182 -13.08 -16.66 8.65
CA GLY B 182 -14.35 -15.97 8.80
C GLY B 182 -15.54 -16.66 8.18
N THR B 183 -15.33 -17.85 7.60
CA THR B 183 -16.44 -18.57 6.93
C THR B 183 -17.07 -19.67 7.79
N GLY B 184 -16.64 -19.82 9.04
CA GLY B 184 -17.20 -20.79 9.97
C GLY B 184 -17.94 -20.13 11.12
N CYS B 185 -17.42 -20.28 12.34
CA CYS B 185 -17.99 -19.71 13.56
C CYS B 185 -18.29 -18.21 13.44
N PHE B 186 -17.39 -17.48 12.76
CA PHE B 186 -17.42 -16.04 12.62
C PHE B 186 -18.35 -15.51 11.56
N SER B 187 -18.90 -16.36 10.68
CA SER B 187 -19.74 -15.89 9.58
C SER B 187 -21.13 -15.43 10.01
N GLY B 188 -21.65 -15.99 11.10
CA GLY B 188 -22.97 -15.64 11.62
C GLY B 188 -24.08 -15.88 10.62
N ALA B 189 -24.95 -14.87 10.40
CA ALA B 189 -26.05 -14.99 9.44
C ALA B 189 -25.60 -15.05 7.97
N TYR B 190 -24.31 -14.86 7.71
CA TYR B 190 -23.70 -14.82 6.39
C TYR B 190 -23.02 -16.13 6.00
N TYR B 191 -23.33 -17.25 6.69
CA TYR B 191 -22.72 -18.55 6.39
C TYR B 191 -22.89 -18.96 4.93
N ASP B 192 -23.95 -18.49 4.27
CA ASP B 192 -24.24 -18.89 2.91
C ASP B 192 -23.70 -18.00 1.81
N VAL B 193 -23.11 -16.86 2.15
CA VAL B 193 -22.61 -15.93 1.15
C VAL B 193 -21.14 -15.63 1.27
N ILE B 194 -20.59 -15.70 2.48
CA ILE B 194 -19.22 -15.31 2.81
C ILE B 194 -18.13 -16.06 2.05
N LYS B 195 -18.36 -17.31 1.64
CA LYS B 195 -17.32 -18.11 0.99
C LYS B 195 -16.63 -17.40 -0.20
N PRO B 196 -17.34 -16.91 -1.24
CA PRO B 196 -16.62 -16.22 -2.33
C PRO B 196 -16.06 -14.83 -1.98
N TYR B 197 -16.53 -14.17 -0.90
CA TYR B 197 -16.02 -12.87 -0.49
C TYR B 197 -14.62 -12.98 0.09
N VAL B 198 -14.36 -14.03 0.88
CA VAL B 198 -13.04 -14.24 1.45
C VAL B 198 -12.05 -14.60 0.34
N ARG B 199 -12.49 -15.44 -0.61
CA ARG B 199 -11.68 -15.84 -1.75
C ARG B 199 -11.27 -14.60 -2.59
N ASN B 200 -12.22 -13.68 -2.83
CA ASN B 200 -11.91 -12.48 -3.61
C ASN B 200 -11.02 -11.50 -2.86
N ALA B 201 -11.08 -11.52 -1.52
CA ALA B 201 -10.23 -10.66 -0.70
C ALA B 201 -8.80 -11.17 -0.81
N LEU B 202 -8.57 -12.49 -0.74
CA LEU B 202 -7.22 -13.04 -0.88
C LEU B 202 -6.68 -12.76 -2.26
N ILE B 203 -7.53 -12.91 -3.29
CA ILE B 203 -7.17 -12.62 -4.68
C ILE B 203 -6.76 -11.15 -4.81
N HIS B 204 -7.54 -10.26 -4.20
CA HIS B 204 -7.30 -8.83 -4.20
C HIS B 204 -6.01 -8.43 -3.50
N ILE B 205 -5.72 -9.02 -2.34
CA ILE B 205 -4.50 -8.69 -1.59
C ILE B 205 -3.27 -9.08 -2.43
N LEU B 206 -3.34 -10.26 -3.04
CA LEU B 206 -2.25 -10.81 -3.82
C LEU B 206 -2.05 -10.13 -5.17
N GLU B 207 -3.13 -9.73 -5.84
CA GLU B 207 -3.04 -9.03 -7.11
C GLU B 207 -2.51 -7.60 -6.90
N LYS B 208 -2.90 -6.95 -5.80
CA LYS B 208 -2.52 -5.58 -5.50
C LYS B 208 -1.05 -5.44 -5.09
N HIS B 209 -0.61 -6.21 -4.09
CA HIS B 209 0.75 -6.11 -3.60
C HIS B 209 1.70 -7.14 -4.19
N LYS B 210 1.34 -7.74 -5.34
CA LYS B 210 2.18 -8.75 -6.01
C LYS B 210 3.63 -8.32 -6.27
N ASP B 211 3.87 -7.02 -6.48
CA ASP B 211 5.23 -6.53 -6.74
C ASP B 211 6.11 -6.48 -5.49
N SER B 212 5.49 -6.22 -4.34
CA SER B 212 6.21 -6.15 -3.07
C SER B 212 6.35 -7.52 -2.37
N LEU B 213 5.90 -8.61 -3.01
CA LEU B 213 5.99 -9.94 -2.42
C LEU B 213 6.66 -10.90 -3.42
N PRO B 214 7.90 -10.63 -3.89
CA PRO B 214 8.52 -11.51 -4.89
C PRO B 214 8.90 -12.88 -4.33
N TYR B 215 9.26 -12.95 -3.05
CA TYR B 215 9.67 -14.21 -2.45
C TYR B 215 8.47 -15.11 -2.09
N ILE B 216 7.22 -14.66 -2.30
CA ILE B 216 6.02 -15.46 -2.07
C ILE B 216 5.77 -16.21 -3.36
N ASP B 217 5.66 -17.53 -3.31
CA ASP B 217 5.55 -18.32 -4.53
C ASP B 217 4.24 -19.09 -4.72
N ILE B 218 3.77 -19.81 -3.69
CA ILE B 218 2.56 -20.62 -3.82
C ILE B 218 1.56 -20.23 -2.74
N ILE B 219 0.30 -19.98 -3.12
CA ILE B 219 -0.75 -19.65 -2.14
C ILE B 219 -1.84 -20.71 -2.24
N HIS B 220 -1.84 -21.65 -1.30
CA HIS B 220 -2.78 -22.76 -1.24
C HIS B 220 -3.99 -22.40 -0.35
N TYR B 221 -5.07 -21.90 -0.94
CA TYR B 221 -6.30 -21.58 -0.25
C TYR B 221 -7.16 -22.81 -0.18
N ASP B 222 -7.64 -23.11 1.00
CA ASP B 222 -8.49 -24.25 1.23
C ASP B 222 -9.67 -23.87 2.10
N PRO B 223 -10.80 -23.47 1.49
CA PRO B 223 -12.05 -23.46 2.27
C PRO B 223 -12.43 -24.96 2.46
N TYR B 224 -13.40 -25.31 3.31
CA TYR B 224 -13.71 -26.75 3.46
C TYR B 224 -14.64 -27.14 2.29
N MET B 225 -15.72 -26.39 2.17
CA MET B 225 -16.74 -26.57 1.17
C MET B 225 -17.22 -25.17 0.75
N GLY B 226 -18.23 -25.12 -0.12
CA GLY B 226 -18.78 -23.85 -0.56
C GLY B 226 -17.96 -23.12 -1.60
N ASP B 227 -16.97 -23.79 -2.18
CA ASP B 227 -16.18 -23.19 -3.25
C ASP B 227 -15.84 -24.20 -4.35
N GLU B 228 -15.53 -23.67 -5.53
CA GLU B 228 -15.18 -24.50 -6.67
C GLU B 228 -13.66 -24.60 -6.73
N PRO B 229 -13.12 -25.81 -6.98
CA PRO B 229 -11.66 -25.93 -7.15
C PRO B 229 -11.19 -25.17 -8.39
N ALA B 230 -10.22 -24.28 -8.22
CA ALA B 230 -9.71 -23.43 -9.29
C ALA B 230 -8.18 -23.18 -9.13
N GLU B 231 -7.52 -22.65 -10.16
CA GLU B 231 -6.10 -22.30 -10.13
C GLU B 231 -5.96 -21.02 -10.91
N LYS B 232 -5.59 -19.92 -10.26
CA LYS B 232 -5.39 -18.65 -10.95
C LYS B 232 -3.96 -18.17 -10.76
N LYS B 233 -3.35 -17.65 -11.83
CA LYS B 233 -1.98 -17.16 -11.76
C LYS B 233 -1.97 -15.67 -11.47
N ILE B 234 -1.47 -15.29 -10.30
CA ILE B 234 -1.39 -13.89 -9.92
C ILE B 234 0.07 -13.49 -9.98
N GLY B 235 0.46 -12.88 -11.10
CA GLY B 235 1.85 -12.49 -11.32
C GLY B 235 2.78 -13.68 -11.29
N HIS B 236 3.72 -13.68 -10.36
CA HIS B 236 4.65 -14.80 -10.20
C HIS B 236 4.13 -15.90 -9.24
N MET B 237 3.07 -15.59 -8.46
CA MET B 237 2.47 -16.50 -7.49
C MET B 237 1.42 -17.37 -8.12
N SER B 238 1.25 -18.56 -7.55
CA SER B 238 0.25 -19.51 -8.02
C SER B 238 -0.82 -19.57 -6.93
N PHE B 239 -2.00 -19.03 -7.21
CA PHE B 239 -3.09 -19.05 -6.25
C PHE B 239 -3.97 -20.27 -6.56
N ARG B 240 -3.96 -21.28 -5.69
CA ARG B 240 -4.78 -22.46 -5.90
C ARG B 240 -5.93 -22.47 -4.93
N VAL B 241 -7.14 -22.78 -5.42
CA VAL B 241 -8.31 -22.95 -4.58
C VAL B 241 -8.52 -24.44 -4.60
N SER B 242 -8.34 -25.09 -3.45
CA SER B 242 -8.49 -26.53 -3.37
C SER B 242 -9.33 -26.89 -2.15
N PRO B 243 -10.68 -26.84 -2.27
CA PRO B 243 -11.52 -27.19 -1.11
C PRO B 243 -11.41 -28.67 -0.80
N SER B 244 -10.79 -29.01 0.34
CA SER B 244 -10.54 -30.39 0.76
C SER B 244 -11.80 -31.24 0.99
N GLY B 245 -12.96 -30.60 1.10
CA GLY B 245 -14.23 -31.30 1.21
C GLY B 245 -14.78 -31.68 -0.16
N VAL B 246 -14.50 -30.85 -1.17
CA VAL B 246 -14.94 -31.09 -2.52
C VAL B 246 -13.95 -32.04 -3.24
N VAL B 247 -12.64 -31.88 -3.00
CA VAL B 247 -11.63 -32.66 -3.69
C VAL B 247 -10.82 -33.60 -2.80
N ARG B 248 -10.84 -34.90 -3.14
CA ARG B 248 -10.08 -35.95 -2.47
C ARG B 248 -8.60 -35.84 -2.86
N GLY B 249 -7.73 -36.18 -1.91
CA GLY B 249 -6.30 -36.14 -2.13
C GLY B 249 -5.69 -34.76 -2.02
N THR B 250 -6.35 -33.84 -1.28
CA THR B 250 -5.89 -32.47 -1.10
C THR B 250 -4.68 -32.43 -0.13
N THR B 251 -3.65 -31.61 -0.49
CA THR B 251 -2.36 -31.42 0.20
C THR B 251 -2.40 -31.42 1.75
N GLY B 252 -3.31 -30.65 2.35
CA GLY B 252 -3.38 -30.56 3.79
C GLY B 252 -2.81 -29.24 4.25
N GLN B 253 -3.43 -28.58 5.24
CA GLN B 253 -2.99 -27.27 5.73
C GLN B 253 -1.58 -27.29 6.30
N LEU B 254 -1.25 -28.36 7.04
CA LEU B 254 0.09 -28.46 7.62
C LEU B 254 0.95 -29.42 6.78
N ASP B 255 1.03 -29.13 5.48
CA ASP B 255 1.81 -29.89 4.52
C ASP B 255 2.24 -29.01 3.33
N TYR B 256 3.34 -29.41 2.66
CA TYR B 256 3.82 -28.66 1.51
C TYR B 256 2.89 -28.83 0.33
N PRO B 257 2.40 -27.73 -0.27
CA PRO B 257 1.56 -27.87 -1.46
C PRO B 257 2.40 -28.29 -2.67
N LEU B 258 1.75 -28.77 -3.74
CA LEU B 258 2.44 -29.19 -4.95
C LEU B 258 3.25 -28.04 -5.55
N GLY B 259 4.43 -28.35 -6.03
CA GLY B 259 5.36 -27.36 -6.54
C GLY B 259 6.45 -27.01 -5.53
N SER B 260 6.18 -27.22 -4.21
CA SER B 260 7.09 -26.89 -3.11
C SER B 260 7.69 -28.09 -2.33
N ASN B 261 8.81 -27.84 -1.62
CA ASN B 261 9.51 -28.84 -0.82
C ASN B 261 10.35 -28.14 0.26
N PRO B 262 10.76 -28.85 1.33
CA PRO B 262 11.54 -28.20 2.39
C PRO B 262 12.87 -27.57 1.98
N ASP B 263 13.54 -28.08 0.92
CA ASP B 263 14.82 -27.53 0.49
C ASP B 263 14.70 -26.13 -0.12
N THR B 264 13.61 -25.86 -0.84
CA THR B 264 13.42 -24.60 -1.57
C THR B 264 12.40 -23.66 -0.96
N HIS B 265 11.48 -24.19 -0.14
CA HIS B 265 10.41 -23.36 0.41
C HIS B 265 10.32 -23.40 1.92
N ILE B 266 9.83 -22.28 2.48
CA ILE B 266 9.48 -22.17 3.89
C ILE B 266 7.97 -22.36 3.91
N LEU B 267 7.48 -23.26 4.74
CA LEU B 267 6.04 -23.53 4.80
C LEU B 267 5.42 -22.67 5.87
N VAL B 268 4.41 -21.88 5.47
CA VAL B 268 3.69 -20.98 6.36
C VAL B 268 2.22 -21.27 6.26
N SER B 269 1.51 -21.39 7.41
CA SER B 269 0.08 -21.63 7.40
C SER B 269 -0.64 -20.54 8.16
N ILE B 270 -1.70 -19.97 7.58
CA ILE B 270 -2.52 -18.93 8.21
C ILE B 270 -3.55 -19.64 9.06
N VAL B 271 -3.70 -19.20 10.33
CA VAL B 271 -4.68 -19.76 11.25
C VAL B 271 -5.82 -18.77 11.49
N ALA B 272 -7.06 -19.26 11.38
CA ALA B 272 -8.27 -18.47 11.62
C ALA B 272 -8.40 -18.25 13.15
N TRP B 273 -7.78 -17.17 13.61
CA TRP B 273 -7.69 -16.77 15.02
C TRP B 273 -8.96 -15.99 15.47
N ASP B 274 -8.93 -15.41 16.67
CA ASP B 274 -10.00 -14.77 17.36
C ASP B 274 -9.44 -13.51 18.06
N HIS B 275 -10.21 -12.42 18.06
CA HIS B 275 -9.84 -11.11 18.60
C HIS B 275 -9.45 -11.16 20.07
N PHE B 276 -10.14 -11.98 20.87
CA PHE B 276 -9.98 -11.93 22.32
C PHE B 276 -9.25 -13.07 22.97
N SER B 277 -8.71 -14.02 22.22
CA SER B 277 -8.05 -15.17 22.84
C SER B 277 -6.56 -15.35 22.48
N TRP B 278 -5.88 -16.27 23.15
CA TRP B 278 -4.51 -16.60 22.84
C TRP B 278 -4.51 -17.45 21.55
N PRO B 279 -3.36 -17.58 20.87
CA PRO B 279 -3.35 -18.31 19.59
C PRO B 279 -4.00 -19.69 19.35
N GLY B 280 -4.01 -20.63 20.28
CA GLY B 280 -4.78 -21.87 20.09
C GLY B 280 -6.22 -21.98 20.58
N ASN B 281 -6.81 -20.86 21.07
CA ASN B 281 -8.16 -20.68 21.66
C ASN B 281 -8.79 -21.97 22.34
N ASP B 282 -9.66 -22.73 21.65
CA ASP B 282 -10.35 -23.93 22.12
C ASP B 282 -9.40 -25.00 22.64
N TYR B 283 -8.22 -25.14 22.01
CA TYR B 283 -7.30 -26.19 22.44
C TYR B 283 -6.68 -25.87 23.82
N TRP B 284 -6.79 -24.61 24.32
CA TRP B 284 -6.37 -24.32 25.69
C TRP B 284 -7.24 -25.12 26.69
N GLY B 285 -8.48 -25.44 26.35
CA GLY B 285 -9.34 -26.25 27.20
C GLY B 285 -9.38 -27.72 26.78
N GLY B 286 -8.44 -28.14 25.95
CA GLY B 286 -8.33 -29.49 25.46
C GLY B 286 -9.13 -29.88 24.25
N ALA B 287 -9.82 -28.93 23.59
CA ALA B 287 -10.63 -29.25 22.42
C ALA B 287 -9.91 -29.07 21.08
N ARG B 288 -9.64 -30.18 20.39
CA ARG B 288 -9.02 -30.16 19.08
C ARG B 288 -10.16 -30.10 18.07
N GLN B 289 -10.78 -28.91 17.85
CA GLN B 289 -11.99 -28.92 17.01
C GLN B 289 -12.09 -27.90 15.89
N THR B 290 -11.65 -26.66 16.13
CA THR B 290 -11.81 -25.64 15.07
C THR B 290 -10.50 -25.43 14.27
N ASP B 291 -10.40 -24.52 13.27
CA ASP B 291 -9.12 -24.35 12.55
C ASP B 291 -8.02 -23.84 13.54
N ASP B 292 -8.43 -22.99 14.47
CA ASP B 292 -7.57 -22.44 15.48
C ASP B 292 -7.05 -23.53 16.44
N GLY B 293 -7.97 -24.25 17.07
CA GLY B 293 -7.61 -25.31 18.00
C GLY B 293 -6.95 -26.50 17.32
N VAL B 294 -7.33 -26.84 16.08
CA VAL B 294 -6.74 -27.97 15.37
C VAL B 294 -5.29 -27.67 15.01
N LYS B 295 -5.01 -26.49 14.46
CA LYS B 295 -3.65 -26.12 14.08
C LYS B 295 -2.74 -26.02 15.30
N ALA B 296 -3.21 -25.40 16.40
CA ALA B 296 -2.45 -25.33 17.65
C ALA B 296 -2.21 -26.72 18.23
N ALA B 297 -3.23 -27.62 18.20
CA ALA B 297 -3.03 -28.97 18.73
C ALA B 297 -2.04 -29.79 17.92
N SER B 298 -1.96 -29.55 16.63
CA SER B 298 -1.12 -30.33 15.73
C SER B 298 0.34 -29.85 15.63
N THR B 299 0.68 -28.78 16.36
CA THR B 299 2.02 -28.17 16.35
C THR B 299 2.50 -27.96 17.81
N ASP B 300 3.69 -27.37 18.00
CA ASP B 300 4.17 -27.05 19.34
C ASP B 300 3.76 -25.61 19.70
N THR B 301 2.61 -25.09 19.15
CA THR B 301 2.07 -23.76 19.42
C THR B 301 2.05 -23.47 20.92
N MET B 302 1.50 -24.41 21.76
CA MET B 302 1.41 -24.28 23.21
C MET B 302 2.78 -24.21 23.88
N GLY B 303 3.77 -24.86 23.29
CA GLY B 303 5.14 -24.77 23.78
C GLY B 303 5.75 -23.42 23.45
N GLN B 304 5.31 -22.76 22.37
CA GLN B 304 5.81 -21.44 21.99
C GLN B 304 5.22 -20.35 22.86
N VAL B 305 3.94 -20.47 23.21
CA VAL B 305 3.25 -19.51 24.03
C VAL B 305 3.65 -19.60 25.49
N THR B 306 3.75 -20.81 26.04
CA THR B 306 4.10 -21.02 27.44
C THR B 306 5.60 -21.10 27.72
N GLY B 307 6.39 -21.46 26.71
CA GLY B 307 7.81 -21.70 26.86
C GLY B 307 8.14 -23.10 27.37
N ALA B 308 7.12 -23.94 27.60
CA ALA B 308 7.30 -25.28 28.12
C ALA B 308 7.34 -26.30 27.01
N THR B 309 8.00 -27.44 27.24
CA THR B 309 8.10 -28.51 26.26
C THR B 309 7.02 -29.57 26.49
N GLY B 310 6.13 -29.71 25.53
CA GLY B 310 5.05 -30.68 25.60
C GLY B 310 5.39 -31.99 24.91
N VAL B 311 4.41 -32.91 24.85
CA VAL B 311 4.64 -34.21 24.24
C VAL B 311 3.60 -34.46 23.16
N TYR B 312 4.06 -34.81 21.95
CA TYR B 312 3.11 -35.09 20.87
C TYR B 312 2.45 -36.42 21.06
N ASP B 313 1.12 -36.46 21.09
CA ASP B 313 0.36 -37.72 21.17
C ASP B 313 -0.06 -38.02 19.73
N LYS B 314 0.41 -39.11 19.18
CA LYS B 314 0.13 -39.47 17.79
C LYS B 314 -1.22 -40.17 17.57
N LYS B 315 -1.81 -40.73 18.65
CA LYS B 315 -3.09 -41.42 18.55
C LYS B 315 -4.18 -40.41 18.24
N TRP B 316 -4.22 -39.28 18.96
CA TRP B 316 -5.26 -38.27 18.73
C TRP B 316 -4.76 -36.99 18.04
N GLY B 317 -3.48 -36.92 17.71
CA GLY B 317 -2.94 -35.79 16.97
C GLY B 317 -2.92 -34.49 17.75
N ARG B 318 -2.56 -34.57 19.05
CA ARG B 318 -2.50 -33.42 19.95
C ARG B 318 -1.20 -33.33 20.78
N TYR B 319 -0.65 -32.14 20.83
CA TYR B 319 0.54 -31.80 21.59
C TYR B 319 0.02 -31.56 23.01
N MET B 320 0.42 -32.43 23.94
CA MET B 320 -0.06 -32.46 25.31
C MET B 320 0.83 -31.67 26.28
N PRO B 321 0.29 -31.28 27.46
CA PRO B 321 1.14 -30.60 28.45
C PRO B 321 2.40 -31.36 28.83
N PRO B 322 3.41 -30.68 29.41
CA PRO B 322 4.65 -31.39 29.79
C PRO B 322 4.42 -32.62 30.68
N GLU B 323 5.28 -33.64 30.52
CA GLU B 323 5.17 -34.83 31.36
C GLU B 323 5.42 -34.47 32.85
N SER B 324 6.29 -33.47 33.12
CA SER B 324 6.55 -33.04 34.49
C SER B 324 5.27 -32.47 35.15
N PHE B 325 4.39 -31.85 34.35
CA PHE B 325 3.14 -31.27 34.83
C PHE B 325 2.06 -32.33 35.11
N THR B 326 1.79 -33.22 34.14
CA THR B 326 0.73 -34.22 34.24
C THR B 326 0.88 -35.59 34.94
N LYS B 327 2.13 -36.04 35.19
CA LYS B 327 2.49 -37.19 36.04
C LYS B 327 1.96 -37.15 37.48
N ASP B 328 2.11 -36.02 38.19
CA ASP B 328 1.62 -35.95 39.57
C ASP B 328 0.29 -35.17 39.72
N ARG B 329 -0.67 -35.45 38.82
CA ARG B 329 -1.98 -34.80 38.88
C ARG B 329 -3.04 -35.89 38.76
N LYS B 330 -3.68 -36.26 39.88
CA LYS B 330 -4.71 -37.31 39.92
C LYS B 330 -5.79 -37.13 38.82
N GLY B 331 -6.42 -35.96 38.77
CA GLY B 331 -7.43 -35.68 37.76
C GLY B 331 -6.82 -35.33 36.42
N MET B 332 -7.65 -35.34 35.36
CA MET B 332 -7.17 -35.00 34.02
C MET B 332 -6.90 -33.48 33.93
N SER B 333 -5.93 -33.08 33.09
CA SER B 333 -5.56 -31.66 32.97
C SER B 333 -5.20 -31.21 31.54
N ASP B 334 -5.37 -29.92 31.27
CA ASP B 334 -5.12 -29.37 29.93
C ASP B 334 -4.08 -28.20 29.95
N TRP B 335 -3.85 -27.56 28.80
CA TRP B 335 -2.91 -26.46 28.70
C TRP B 335 -3.37 -25.18 29.41
N GLY B 336 -4.68 -24.99 29.57
CA GLY B 336 -5.23 -23.86 30.29
C GLY B 336 -4.99 -23.96 31.78
N ASP B 337 -4.92 -25.20 32.30
CA ASP B 337 -4.60 -25.50 33.69
C ASP B 337 -3.14 -25.16 33.93
N TYR B 338 -2.25 -25.47 32.97
CA TYR B 338 -0.84 -25.17 33.03
C TYR B 338 -0.66 -23.64 33.14
N VAL B 339 -1.38 -22.86 32.31
CA VAL B 339 -1.23 -21.41 32.36
C VAL B 339 -1.77 -20.82 33.67
N ARG B 340 -2.82 -21.40 34.26
CA ARG B 340 -3.39 -20.97 35.53
C ARG B 340 -2.43 -21.27 36.68
N GLU B 341 -1.81 -22.45 36.64
CA GLU B 341 -0.87 -22.94 37.64
C GLU B 341 0.47 -22.18 37.59
N ASN B 342 0.84 -21.65 36.43
CA ASN B 342 2.14 -20.99 36.29
C ASN B 342 2.09 -19.48 36.06
N GLY B 343 0.90 -18.90 35.95
CA GLY B 343 0.72 -17.47 35.72
C GLY B 343 1.27 -16.97 34.40
N ILE B 344 1.07 -17.73 33.32
CA ILE B 344 1.60 -17.36 31.99
C ILE B 344 0.80 -16.20 31.39
N VAL B 345 1.45 -15.24 30.72
CA VAL B 345 0.73 -14.15 30.06
C VAL B 345 1.04 -14.07 28.58
N PHE B 346 0.08 -13.62 27.79
CA PHE B 346 0.27 -13.47 26.36
C PHE B 346 0.74 -12.04 26.17
N ASN B 347 2.04 -11.88 25.93
CA ASN B 347 2.67 -10.58 25.77
C ASN B 347 4.00 -10.80 25.08
N GLY B 348 4.14 -10.24 23.89
CA GLY B 348 5.36 -10.37 23.11
C GLY B 348 5.72 -9.11 22.39
N PRO B 349 6.82 -9.14 21.62
CA PRO B 349 7.21 -7.95 20.87
C PRO B 349 6.21 -7.67 19.76
N VAL B 350 6.00 -6.39 19.46
CA VAL B 350 5.05 -6.00 18.43
C VAL B 350 5.71 -5.06 17.42
N LEU B 351 5.53 -5.34 16.12
CA LEU B 351 6.05 -4.51 15.04
C LEU B 351 4.88 -3.98 14.21
N ALA B 352 5.02 -2.77 13.65
CA ALA B 352 3.97 -2.16 12.84
C ALA B 352 4.40 -2.02 11.40
N LEU B 353 3.47 -2.25 10.49
CA LEU B 353 3.77 -2.12 9.08
C LEU B 353 3.81 -0.66 8.70
N ASP B 354 4.92 -0.22 8.13
CA ASP B 354 5.07 1.15 7.64
C ASP B 354 5.61 1.04 6.21
N LYS B 355 4.72 1.22 5.22
CA LYS B 355 5.04 1.23 3.77
C LYS B 355 6.02 0.13 3.33
N SER B 356 5.65 -1.13 3.71
CA SER B 356 6.32 -2.42 3.48
C SER B 356 7.54 -2.67 4.36
N GLY B 357 7.65 -1.92 5.45
CA GLY B 357 8.73 -2.09 6.41
C GLY B 357 8.19 -2.30 7.82
N LYS B 358 8.48 -3.47 8.42
CA LYS B 358 8.05 -3.74 9.79
C LYS B 358 9.04 -3.09 10.77
N LEU B 359 8.59 -2.05 11.51
CA LEU B 359 9.43 -1.32 12.45
C LEU B 359 8.67 -0.99 13.78
N ASP B 360 9.28 -0.18 14.70
CA ASP B 360 8.76 0.33 15.97
C ASP B 360 7.33 0.85 15.84
N THR B 361 6.56 0.63 16.90
CA THR B 361 5.15 1.00 17.02
C THR B 361 4.98 2.42 17.60
#